data_4FKH
#
_entry.id   4FKH
#
_cell.length_a   260.251
_cell.length_b   62.892
_cell.length_c   81.813
_cell.angle_alpha   90.00
_cell.angle_beta   100.38
_cell.angle_gamma   90.00
#
_symmetry.space_group_name_H-M   'C 1 2 1'
#
loop_
_entity.id
_entity.type
_entity.pdbx_description
1 polymer 'Aminopeptidase N'
2 branched 2-acetamido-2-deoxy-beta-D-glucopyranose-(1-4)-2-acetamido-2-deoxy-beta-D-glucopyranose-(1-4)-2-acetamido-2-deoxy-beta-D-glucopyranose
3 branched 2-acetamido-2-deoxy-beta-D-glucopyranose-(1-4)-2-acetamido-2-deoxy-beta-D-glucopyranose
4 non-polymer 2-acetamido-2-deoxy-beta-D-glucopyranose
5 non-polymer ALANINE
6 non-polymer 'ZINC ION'
7 water water
#
_entity_poly.entity_id   1
_entity_poly.type   'polypeptide(L)'
_entity_poly.pdbx_seq_one_letter_code
;DQSKPWNRYRLPTTLLPDSYNVTLRPYLTPNADGLYIFKGKSIVRFLCQEPTDVIIIHSKKLNYTTQGHMVVLRGVGDSQ
VPEIDRTELVELTEYLVVHLKGSLQPGHMYEMESEFQGELADDLAGFYRSEYMEGNVKKVLATTQMQSTDARKSFPCFDE
PAMKATFNITLIHPNNLTALSNMPPKGSSTPLAEDPNWSVTEFETTPVMSTYLLAYIVSEFQSVNETAQNGVLIRIWARP
NAIAEGHGMYALNVTGPILNFFANHYNTSYPLPKSDQIALPDFNAGAMENWGLVTYRENALLFDPQSSSISNKERVVTVI
AHELAHQWFGNLVTLAWWNDLWLNEGFASYVEYLGADHAEPTWNLKDLIVPGDVYRVMAVDALASSHPLTTPAEEVNTPA
QISEMFDSISYSKGASVIRMLSNFLTEDLFKEGLASYLHAFAYQNTTYLDLWEHLQKAVDAQTSIRLPDTVRAIMDRWTL
QMGFPVITVDTKTGNISQKHFLLDSESNVTRSSAFDYLWIVPISSIKNGVMQDHYWLRDVSQAQNDLFKTASDDWVLLNV
NVTGYFQVNYDEDNWRMIQHQLQTNLSVIPVINRAQVIYDSFNLATAHMVPVTLALDNTLFLNGEKEYMPWQAALSSLSY
FSLMFDRSEVYGPMKKYLRKQVEPLFQHFETLTKNWTERPENLMDQYSEINAISTACSNGLPQCENLAKTLFDQWMSDPE
NNPIHPNLRSTIYCNAIAQGGQDQWDFAWGQLQQAQLVNEADKLRSALACSNEVWLLNRYLGYTLNPDLIRKQDATSTIN
SIASNVIGQPLAWDFVQSNWKKLFQDYGGGSFSFSNLIQGVTRRFSSEFELQQLEQFKKNNMDVGFGSGTRALEQALEKT
KANIKWVKENKEVVLNWFIEHSSHHHHHH
;
_entity_poly.pdbx_strand_id   A
#
# COMPACT_ATOMS: atom_id res chain seq x y z
N GLN A 2 38.75 18.66 -3.65
CA GLN A 2 38.26 17.30 -3.32
C GLN A 2 37.48 17.29 -2.01
N SER A 3 36.21 16.90 -2.06
CA SER A 3 35.38 16.84 -0.87
C SER A 3 35.84 15.71 0.07
N LYS A 4 35.69 15.94 1.37
CA LYS A 4 36.03 14.95 2.39
C LYS A 4 34.99 13.84 2.36
N PRO A 5 35.44 12.56 2.43
CA PRO A 5 34.48 11.45 2.27
C PRO A 5 33.33 11.47 3.30
N TRP A 6 33.60 11.96 4.51
CA TRP A 6 32.58 12.03 5.55
C TRP A 6 31.51 13.07 5.28
N ASN A 7 31.71 13.87 4.23
CA ASN A 7 30.71 14.81 3.77
C ASN A 7 29.93 14.31 2.54
N ARG A 8 30.22 13.10 2.08
CA ARG A 8 29.44 12.45 1.01
C ARG A 8 28.42 11.49 1.61
N TYR A 9 27.22 11.45 1.04
CA TYR A 9 26.14 10.60 1.56
C TYR A 9 26.34 9.11 1.36
N ARG A 10 27.05 8.75 0.29
CA ARG A 10 27.37 7.34 0.02
C ARG A 10 28.67 6.94 0.74
N LEU A 11 28.65 5.76 1.36
CA LEU A 11 29.84 5.20 2.00
C LEU A 11 30.98 4.97 1.02
N PRO A 12 32.24 5.05 1.50
CA PRO A 12 33.38 4.57 0.71
C PRO A 12 33.24 3.09 0.40
N THR A 13 33.98 2.61 -0.59
CA THR A 13 34.02 1.19 -0.93
C THR A 13 35.31 0.53 -0.41
N THR A 14 36.09 1.29 0.35
CA THR A 14 37.37 0.84 0.87
C THR A 14 37.25 -0.24 1.96
N LEU A 15 36.12 -0.26 2.68
CA LEU A 15 35.94 -1.20 3.77
C LEU A 15 34.60 -1.92 3.63
N LEU A 16 34.62 -3.24 3.76
CA LEU A 16 33.40 -4.04 3.68
C LEU A 16 33.20 -4.90 4.92
N PRO A 17 31.99 -4.88 5.49
CA PRO A 17 31.69 -5.65 6.69
C PRO A 17 31.63 -7.15 6.40
N ASP A 18 32.06 -7.93 7.38
CA ASP A 18 32.02 -9.39 7.34
C ASP A 18 30.90 -9.91 8.25
N SER A 19 30.92 -9.46 9.50
CA SER A 19 29.98 -9.95 10.52
C SER A 19 29.95 -8.97 11.68
N TYR A 20 28.84 -9.00 12.41
CA TYR A 20 28.63 -8.12 13.55
C TYR A 20 28.16 -8.95 14.74
N ASN A 21 28.60 -8.55 15.93
CA ASN A 21 27.92 -8.91 17.17
C ASN A 21 27.19 -7.67 17.64
N VAL A 22 25.91 -7.81 17.97
CA VAL A 22 25.16 -6.67 18.50
C VAL A 22 24.38 -7.13 19.73
N THR A 23 24.58 -6.43 20.84
CA THR A 23 23.83 -6.66 22.09
C THR A 23 23.04 -5.41 22.43
N LEU A 24 21.72 -5.55 22.50
CA LEU A 24 20.82 -4.43 22.79
C LEU A 24 20.03 -4.67 24.07
N ARG A 25 19.82 -3.60 24.83
CA ARG A 25 19.16 -3.70 26.12
C ARG A 25 18.19 -2.53 26.26
N PRO A 26 16.91 -2.77 25.95
CA PRO A 26 15.90 -1.74 26.13
C PRO A 26 15.55 -1.60 27.62
N TYR A 27 15.39 -0.36 28.08
CA TYR A 27 14.92 -0.08 29.44
C TYR A 27 13.45 0.39 29.34
N LEU A 28 12.54 -0.52 29.66
CA LEU A 28 11.12 -0.26 29.45
C LEU A 28 10.46 0.55 30.58
N THR A 29 11.25 0.87 31.60
CA THR A 29 10.85 1.79 32.67
C THR A 29 11.55 3.14 32.46
N PRO A 30 10.78 4.24 32.35
CA PRO A 30 11.39 5.56 32.15
C PRO A 30 12.27 5.98 33.33
N ASN A 31 13.14 6.97 33.14
CA ASN A 31 14.05 7.43 34.20
C ASN A 31 13.51 8.50 35.16
N ALA A 32 12.19 8.58 35.30
CA ALA A 32 11.52 9.56 36.19
C ALA A 32 11.38 10.94 35.55
N ASP A 33 12.32 11.29 34.68
CA ASP A 33 12.15 12.46 33.81
C ASP A 33 11.25 12.09 32.63
N GLY A 34 10.87 10.82 32.57
CA GLY A 34 10.00 10.30 31.51
C GLY A 34 10.75 9.82 30.28
N LEU A 35 12.08 9.81 30.36
CA LEU A 35 12.92 9.36 29.24
C LEU A 35 13.12 7.86 29.25
N TYR A 36 12.82 7.22 28.12
CA TYR A 36 13.10 5.79 27.93
C TYR A 36 14.38 5.68 27.13
N ILE A 37 15.29 4.80 27.54
CA ILE A 37 16.53 4.56 26.79
C ILE A 37 16.75 3.08 26.45
N PHE A 38 17.67 2.83 25.52
CA PHE A 38 18.24 1.52 25.33
C PHE A 38 19.76 1.66 25.35
N LYS A 39 20.44 0.63 25.81
CA LYS A 39 21.90 0.59 25.76
C LYS A 39 22.29 -0.52 24.80
N GLY A 40 23.47 -0.40 24.22
CA GLY A 40 23.98 -1.42 23.33
C GLY A 40 25.49 -1.50 23.34
N LYS A 41 25.97 -2.63 22.85
CA LYS A 41 27.38 -2.89 22.62
C LYS A 41 27.45 -3.57 21.26
N SER A 42 28.45 -3.22 20.45
CA SER A 42 28.60 -3.90 19.16
C SER A 42 30.06 -4.11 18.80
N ILE A 43 30.31 -5.16 18.03
CA ILE A 43 31.61 -5.34 17.39
C ILE A 43 31.33 -5.63 15.94
N VAL A 44 31.93 -4.83 15.06
CA VAL A 44 31.86 -5.13 13.62
C VAL A 44 33.23 -5.57 13.17
N ARG A 45 33.24 -6.67 12.43
CA ARG A 45 34.42 -7.16 11.76
C ARG A 45 34.28 -6.79 10.27
N PHE A 46 35.30 -6.13 9.75
CA PHE A 46 35.29 -5.67 8.36
C PHE A 46 36.62 -5.96 7.70
N LEU A 47 36.59 -5.98 6.36
CA LEU A 47 37.79 -6.25 5.58
C LEU A 47 38.22 -4.99 4.83
N CYS A 48 39.52 -4.72 4.85
CA CYS A 48 40.06 -3.61 4.06
C CYS A 48 40.26 -4.07 2.61
N GLN A 49 39.64 -3.34 1.68
CA GLN A 49 39.75 -3.60 0.25
C GLN A 49 40.84 -2.74 -0.38
N GLU A 50 40.87 -1.47 0.04
CA GLU A 50 41.85 -0.48 -0.46
C GLU A 50 42.43 0.26 0.75
N PRO A 51 43.73 0.63 0.71
CA PRO A 51 44.33 1.31 1.86
C PRO A 51 43.55 2.58 2.21
N THR A 52 43.31 2.79 3.50
CA THR A 52 42.65 4.02 3.96
C THR A 52 43.02 4.29 5.43
N ASP A 53 43.05 5.56 5.79
CA ASP A 53 43.41 5.98 7.14
C ASP A 53 42.19 6.55 7.86
N VAL A 54 41.02 6.15 7.40
CA VAL A 54 39.76 6.61 7.99
C VAL A 54 38.72 5.49 7.91
N ILE A 55 37.96 5.31 8.99
CA ILE A 55 36.82 4.40 8.99
C ILE A 55 35.58 5.27 9.08
N ILE A 56 34.72 5.11 8.08
CA ILE A 56 33.46 5.81 8.03
C ILE A 56 32.35 4.77 8.12
N ILE A 57 31.51 4.90 9.14
CA ILE A 57 30.44 3.95 9.38
C ILE A 57 29.21 4.78 9.76
N HIS A 58 27.99 4.26 9.58
CA HIS A 58 26.81 5.07 9.92
C HIS A 58 26.50 5.03 11.40
N SER A 59 25.95 6.14 11.89
CA SER A 59 25.53 6.28 13.29
C SER A 59 24.56 7.44 13.37
N LYS A 60 23.41 7.20 14.00
CA LYS A 60 22.35 8.19 14.08
C LYS A 60 21.75 8.23 15.49
N LYS A 61 21.85 9.38 16.14
CA LYS A 61 21.22 9.60 17.45
C LYS A 61 21.68 8.61 18.52
N LEU A 62 22.98 8.29 18.48
CA LEU A 62 23.61 7.45 19.47
C LEU A 62 24.65 8.24 20.23
N ASN A 63 24.68 8.06 21.56
CA ASN A 63 25.76 8.57 22.40
C ASN A 63 26.70 7.43 22.70
N TYR A 64 28.00 7.67 22.61
CA TYR A 64 29.01 6.63 22.84
C TYR A 64 29.56 6.70 24.25
N THR A 65 29.67 5.54 24.90
CA THR A 65 30.20 5.45 26.26
C THR A 65 31.40 4.51 26.30
N THR A 66 31.89 4.12 25.13
CA THR A 66 33.09 3.31 24.97
C THR A 66 34.24 3.91 25.77
N GLN A 67 35.04 3.06 26.42
CA GLN A 67 36.26 3.51 27.08
C GLN A 67 37.28 4.04 26.04
N GLY A 68 37.76 5.25 26.25
CA GLY A 68 38.74 5.87 25.35
C GLY A 68 38.06 6.75 24.31
N HIS A 69 38.35 6.46 23.04
CA HIS A 69 37.64 7.09 21.93
C HIS A 69 36.26 6.41 21.81
N MET A 70 35.46 6.86 20.86
CA MET A 70 34.12 6.30 20.65
C MET A 70 34.15 4.83 20.25
N VAL A 71 35.28 4.37 19.73
CA VAL A 71 35.46 2.94 19.40
C VAL A 71 36.79 2.42 19.93
N VAL A 72 36.90 1.10 20.01
CA VAL A 72 38.17 0.43 20.22
C VAL A 72 38.43 -0.32 18.90
N LEU A 73 39.65 -0.23 18.39
CA LEU A 73 39.98 -0.87 17.10
C LEU A 73 41.05 -1.94 17.29
N ARG A 74 40.75 -3.16 16.84
CA ARG A 74 41.72 -4.26 16.94
C ARG A 74 41.93 -4.89 15.57
N GLY A 75 43.05 -5.59 15.41
CA GLY A 75 43.29 -6.38 14.21
C GLY A 75 42.81 -7.80 14.44
N VAL A 76 42.32 -8.45 13.40
CA VAL A 76 41.90 -9.85 13.47
C VAL A 76 43.13 -10.74 13.24
N GLY A 77 43.22 -11.83 14.01
CA GLY A 77 44.37 -12.74 13.95
C GLY A 77 45.63 -12.01 14.38
N ASP A 78 46.66 -12.02 13.54
CA ASP A 78 47.90 -11.28 13.85
C ASP A 78 48.06 -9.99 13.05
N SER A 79 46.96 -9.45 12.52
CA SER A 79 47.05 -8.14 11.88
C SER A 79 47.38 -7.07 12.91
N GLN A 80 48.29 -6.17 12.56
CA GLN A 80 48.53 -4.97 13.34
C GLN A 80 47.46 -3.95 12.99
N VAL A 81 47.20 -3.01 13.90
CA VAL A 81 46.20 -1.97 13.68
C VAL A 81 46.83 -0.60 13.90
N PRO A 82 46.46 0.41 13.09
CA PRO A 82 46.95 1.75 13.41
C PRO A 82 46.26 2.30 14.66
N GLU A 83 46.95 3.23 15.33
CA GLU A 83 46.39 3.96 16.45
C GLU A 83 45.31 4.91 15.96
N ILE A 84 44.31 5.12 16.79
CA ILE A 84 43.25 6.09 16.51
C ILE A 84 43.78 7.49 16.79
N ASP A 85 43.51 8.42 15.88
CA ASP A 85 43.80 9.82 16.13
C ASP A 85 42.63 10.47 16.89
N ARG A 86 41.44 10.37 16.31
CA ARG A 86 40.25 10.85 16.97
C ARG A 86 39.02 10.23 16.32
N THR A 87 37.93 10.20 17.08
CA THR A 87 36.62 9.82 16.57
C THR A 87 35.70 11.04 16.64
N GLU A 88 34.89 11.25 15.60
CA GLU A 88 33.91 12.34 15.60
C GLU A 88 32.61 11.86 14.99
N LEU A 89 31.52 12.52 15.38
CA LEU A 89 30.21 12.30 14.75
C LEU A 89 29.89 13.43 13.78
N VAL A 90 29.54 13.06 12.54
CA VAL A 90 29.15 14.01 11.52
C VAL A 90 27.66 13.82 11.31
N GLU A 91 26.85 14.71 11.88
CA GLU A 91 25.41 14.49 12.00
C GLU A 91 24.65 14.52 10.67
N LEU A 92 25.08 15.37 9.75
CA LEU A 92 24.35 15.59 8.50
C LEU A 92 24.29 14.32 7.65
N THR A 93 25.44 13.68 7.47
CA THR A 93 25.54 12.47 6.67
C THR A 93 25.43 11.19 7.55
N GLU A 94 25.13 11.39 8.84
CA GLU A 94 24.85 10.31 9.79
C GLU A 94 26.01 9.31 9.94
N TYR A 95 27.20 9.85 10.19
CA TYR A 95 28.41 9.07 10.26
C TYR A 95 29.07 9.15 11.64
N LEU A 96 29.70 8.04 12.01
CA LEU A 96 30.77 8.01 12.99
C LEU A 96 32.05 7.90 12.15
N VAL A 97 33.01 8.79 12.41
CA VAL A 97 34.26 8.88 11.66
C VAL A 97 35.44 8.64 12.59
N VAL A 98 36.22 7.61 12.27
CA VAL A 98 37.40 7.21 13.03
C VAL A 98 38.65 7.54 12.22
N HIS A 99 39.29 8.65 12.57
CA HIS A 99 40.53 9.06 11.90
C HIS A 99 41.69 8.33 12.51
N LEU A 100 42.50 7.68 11.66
CA LEU A 100 43.61 6.88 12.13
C LEU A 100 44.97 7.56 11.89
N LYS A 101 45.97 7.14 12.66
CA LYS A 101 47.34 7.64 12.54
C LYS A 101 48.16 6.88 11.49
N GLY A 102 47.53 5.96 10.78
CA GLY A 102 48.17 5.21 9.71
C GLY A 102 47.10 4.52 8.89
N SER A 103 47.50 3.77 7.87
CA SER A 103 46.53 3.16 6.97
C SER A 103 46.25 1.71 7.27
N LEU A 104 44.97 1.33 7.13
CA LEU A 104 44.56 -0.06 7.09
C LEU A 104 45.12 -0.68 5.80
N GLN A 105 45.33 -1.99 5.82
CA GLN A 105 45.99 -2.70 4.74
C GLN A 105 45.06 -3.65 4.00
N PRO A 106 45.07 -3.61 2.64
CA PRO A 106 44.24 -4.48 1.81
C PRO A 106 44.41 -5.94 2.22
N GLY A 107 43.31 -6.66 2.28
CA GLY A 107 43.34 -8.08 2.63
C GLY A 107 43.26 -8.34 4.12
N HIS A 108 43.53 -7.31 4.93
CA HIS A 108 43.49 -7.49 6.39
C HIS A 108 42.08 -7.27 6.94
N MET A 109 41.73 -8.02 7.99
CA MET A 109 40.46 -7.86 8.69
C MET A 109 40.66 -7.14 10.03
N TYR A 110 39.68 -6.32 10.39
CA TYR A 110 39.72 -5.56 11.64
C TYR A 110 38.40 -5.69 12.39
N GLU A 111 38.46 -5.57 13.71
CA GLU A 111 37.27 -5.57 14.56
C GLU A 111 37.17 -4.23 15.29
N MET A 112 36.00 -3.60 15.17
CA MET A 112 35.75 -2.31 15.80
C MET A 112 34.65 -2.46 16.84
N GLU A 113 34.97 -2.13 18.09
CA GLU A 113 34.04 -2.33 19.22
C GLU A 113 33.54 -0.99 19.72
N SER A 114 32.26 -0.94 20.06
CA SER A 114 31.68 0.28 20.62
C SER A 114 30.64 -0.04 21.68
N GLU A 115 30.44 0.93 22.57
CA GLU A 115 29.37 0.91 23.58
C GLU A 115 28.60 2.21 23.49
N PHE A 116 27.28 2.11 23.52
CA PHE A 116 26.45 3.26 23.17
C PHE A 116 25.07 3.18 23.79
N GLN A 117 24.35 4.30 23.69
CA GLN A 117 22.96 4.33 24.10
C GLN A 117 22.19 5.37 23.32
N GLY A 118 20.89 5.15 23.25
CA GLY A 118 20.01 6.06 22.55
C GLY A 118 18.65 6.12 23.22
N GLU A 119 17.82 7.05 22.77
CA GLU A 119 16.48 7.12 23.29
C GLU A 119 15.67 5.97 22.71
N LEU A 120 14.93 5.27 23.55
CA LEU A 120 13.91 4.33 23.07
C LEU A 120 12.63 5.12 22.87
N ALA A 121 12.60 5.94 21.82
CA ALA A 121 11.52 6.88 21.58
C ALA A 121 10.29 6.19 21.03
N ASP A 122 9.16 6.86 21.13
CA ASP A 122 7.96 6.32 20.49
C ASP A 122 7.83 6.94 19.11
N ASP A 123 8.84 6.68 18.27
CA ASP A 123 8.99 7.35 16.98
C ASP A 123 9.00 6.39 15.78
N LEU A 124 8.70 5.12 16.02
CA LEU A 124 8.67 4.09 14.95
C LEU A 124 9.91 4.04 14.05
N ALA A 125 11.09 4.29 14.64
CA ALA A 125 12.34 4.37 13.88
C ALA A 125 13.48 3.78 14.68
N GLY A 126 14.21 2.87 14.04
CA GLY A 126 15.32 2.17 14.70
C GLY A 126 14.78 1.23 15.76
N PHE A 127 15.47 1.18 16.91
CA PHE A 127 14.99 0.49 18.08
C PHE A 127 14.14 1.51 18.84
N TYR A 128 12.85 1.19 18.98
CA TYR A 128 11.90 2.16 19.47
C TYR A 128 10.89 1.50 20.40
N ARG A 129 10.15 2.30 21.16
CA ARG A 129 9.11 1.75 22.04
C ARG A 129 7.70 1.94 21.48
N SER A 130 6.81 1.04 21.89
CA SER A 130 5.42 1.09 21.52
C SER A 130 4.53 0.88 22.76
N GLU A 131 3.65 1.85 23.03
CA GLU A 131 2.77 1.82 24.21
C GLU A 131 1.36 1.38 23.83
N TYR A 132 0.76 0.53 24.65
CA TYR A 132 -0.63 0.07 24.44
C TYR A 132 -1.28 -0.35 25.76
N MET A 133 -2.60 -0.48 25.76
CA MET A 133 -3.35 -0.83 26.98
C MET A 133 -3.76 -2.32 27.08
N GLU A 134 -3.56 -2.90 28.26
CA GLU A 134 -4.12 -4.21 28.61
C GLU A 134 -4.94 -4.05 29.91
N GLY A 135 -6.23 -3.79 29.75
CA GLY A 135 -7.11 -3.54 30.88
C GLY A 135 -6.83 -2.18 31.49
N ASN A 136 -6.41 -2.17 32.75
CA ASN A 136 -6.06 -0.92 33.44
C ASN A 136 -4.60 -0.52 33.21
N VAL A 137 -3.79 -1.47 32.78
CA VAL A 137 -2.34 -1.31 32.71
C VAL A 137 -1.86 -0.83 31.33
N LYS A 138 -1.09 0.25 31.33
CA LYS A 138 -0.38 0.69 30.15
C LYS A 138 0.84 -0.21 29.97
N LYS A 139 0.92 -0.87 28.82
CA LYS A 139 2.04 -1.75 28.51
C LYS A 139 3.00 -1.06 27.54
N VAL A 140 4.28 -1.38 27.66
CA VAL A 140 5.32 -0.86 26.77
C VAL A 140 6.17 -2.01 26.27
N LEU A 141 6.33 -2.12 24.95
CA LEU A 141 7.23 -3.11 24.37
C LEU A 141 8.34 -2.41 23.56
N ALA A 142 9.42 -3.14 23.25
CA ALA A 142 10.51 -2.58 22.45
C ALA A 142 10.51 -3.33 21.14
N THR A 143 10.63 -2.58 20.05
CA THR A 143 10.60 -3.20 18.72
C THR A 143 11.42 -2.39 17.71
N THR A 144 11.46 -2.83 16.45
CA THR A 144 12.34 -2.22 15.46
C THR A 144 11.65 -1.87 14.16
N GLN A 145 12.19 -0.85 13.50
CA GLN A 145 11.82 -0.51 12.12
C GLN A 145 13.06 0.16 11.53
N MET A 146 13.85 -0.63 10.80
CA MET A 146 15.10 -0.16 10.21
C MET A 146 14.88 0.46 8.85
N GLN A 147 13.85 0.04 8.17
CA GLN A 147 13.56 0.53 6.84
C GLN A 147 13.40 2.05 6.85
N SER A 148 14.17 2.80 6.06
CA SER A 148 15.22 2.30 5.18
C SER A 148 16.61 2.49 5.74
N THR A 149 16.82 3.63 6.42
CA THR A 149 18.15 4.01 6.89
C THR A 149 18.20 4.20 8.41
N ASP A 150 17.44 3.38 9.13
CA ASP A 150 17.40 3.45 10.59
C ASP A 150 18.10 2.36 11.40
N ALA A 151 18.75 1.39 10.74
CA ALA A 151 19.56 0.43 11.49
C ALA A 151 20.65 1.18 12.27
N ARG A 152 21.19 2.23 11.65
CA ARG A 152 22.25 3.06 12.21
C ARG A 152 21.77 3.83 13.44
N LYS A 153 20.45 3.85 13.65
CA LYS A 153 19.85 4.50 14.80
C LYS A 153 19.87 3.56 16.02
N SER A 154 20.13 2.27 15.76
CA SER A 154 20.17 1.27 16.82
C SER A 154 21.56 0.79 17.17
N PHE A 155 22.47 0.82 16.20
CA PHE A 155 23.87 0.46 16.43
C PHE A 155 24.69 0.95 15.23
N PRO A 156 25.99 1.21 15.43
CA PRO A 156 26.78 1.69 14.29
C PRO A 156 27.00 0.59 13.27
N CYS A 157 26.76 0.89 12.00
CA CYS A 157 26.86 -0.14 10.98
C CYS A 157 27.05 0.47 9.61
N PHE A 158 27.55 -0.33 8.67
CA PHE A 158 27.64 0.07 7.26
C PHE A 158 26.25 -0.13 6.69
N ASP A 159 25.44 0.92 6.78
CA ASP A 159 24.02 0.82 6.62
C ASP A 159 23.59 1.15 5.18
N GLU A 160 24.07 0.34 4.25
CA GLU A 160 23.64 0.32 2.84
C GLU A 160 23.27 -1.11 2.47
N PRO A 161 22.19 -1.31 1.71
CA PRO A 161 21.66 -2.67 1.45
C PRO A 161 22.61 -3.69 0.80
N ALA A 162 23.57 -3.24 -0.01
CA ALA A 162 24.52 -4.16 -0.66
C ALA A 162 25.64 -4.62 0.27
N MET A 163 25.81 -3.91 1.38
CA MET A 163 26.90 -4.23 2.32
C MET A 163 26.43 -5.25 3.34
N LYS A 164 26.20 -6.46 2.84
CA LYS A 164 25.60 -7.53 3.61
C LYS A 164 26.61 -8.18 4.53
N ALA A 165 26.11 -8.77 5.60
CA ALA A 165 26.96 -9.39 6.60
C ALA A 165 26.09 -10.33 7.42
N THR A 166 26.73 -11.16 8.24
CA THR A 166 26.01 -11.99 9.20
C THR A 166 25.94 -11.22 10.50
N PHE A 167 24.89 -11.47 11.28
CA PHE A 167 24.66 -10.75 12.53
C PHE A 167 24.38 -11.73 13.65
N ASN A 168 25.09 -11.56 14.77
CA ASN A 168 24.82 -12.26 16.02
C ASN A 168 24.18 -11.31 17.01
N ILE A 169 22.88 -11.48 17.20
CA ILE A 169 22.07 -10.59 18.02
C ILE A 169 21.90 -11.20 19.40
N THR A 170 22.12 -10.38 20.42
CA THR A 170 21.77 -10.72 21.79
C THR A 170 20.87 -9.61 22.36
N LEU A 171 19.77 -10.02 23.01
CA LEU A 171 18.89 -9.10 23.74
C LEU A 171 19.01 -9.32 25.23
N ILE A 172 19.09 -8.23 25.97
CA ILE A 172 19.07 -8.25 27.44
C ILE A 172 17.77 -7.57 27.84
N HIS A 173 16.93 -8.31 28.55
CA HIS A 173 15.54 -7.91 28.72
C HIS A 173 15.01 -8.39 30.07
N PRO A 174 13.88 -7.80 30.54
CA PRO A 174 13.27 -8.31 31.78
C PRO A 174 12.99 -9.81 31.66
N ASN A 175 13.20 -10.55 32.74
CA ASN A 175 13.19 -12.01 32.66
C ASN A 175 11.81 -12.61 32.42
N ASN A 176 10.76 -11.81 32.56
CA ASN A 176 9.43 -12.32 32.27
C ASN A 176 8.88 -11.89 30.91
N LEU A 177 9.73 -11.31 30.07
CA LEU A 177 9.34 -10.96 28.70
C LEU A 177 10.01 -11.87 27.68
N THR A 178 9.41 -11.96 26.50
CA THR A 178 9.94 -12.79 25.43
C THR A 178 10.75 -11.92 24.47
N ALA A 179 11.89 -12.44 24.04
CA ALA A 179 12.76 -11.75 23.09
C ALA A 179 12.73 -12.52 21.76
N LEU A 180 12.53 -11.79 20.66
CA LEU A 180 12.50 -12.34 19.31
C LEU A 180 13.48 -11.61 18.41
N SER A 181 14.03 -12.31 17.41
CA SER A 181 14.85 -11.64 16.39
C SER A 181 14.67 -12.41 15.09
N ASN A 182 15.45 -12.06 14.08
CA ASN A 182 15.42 -12.74 12.78
C ASN A 182 15.50 -14.26 12.85
N MET A 183 16.42 -14.73 13.69
CA MET A 183 16.75 -16.15 13.81
C MET A 183 16.18 -16.73 15.10
N PRO A 184 16.12 -18.08 15.23
CA PRO A 184 15.71 -18.66 16.52
C PRO A 184 16.71 -18.35 17.62
N PRO A 185 16.24 -18.34 18.89
CA PRO A 185 17.21 -18.28 19.98
C PRO A 185 18.13 -19.50 19.98
N LYS A 186 19.36 -19.30 20.46
CA LYS A 186 20.36 -20.36 20.57
C LYS A 186 19.95 -21.41 21.60
N GLY A 187 19.23 -20.97 22.62
CA GLY A 187 18.71 -21.86 23.64
C GLY A 187 17.96 -21.02 24.66
N SER A 188 17.80 -21.58 25.85
CA SER A 188 17.13 -20.90 26.94
C SER A 188 17.89 -19.64 27.32
N SER A 189 17.14 -18.62 27.72
CA SER A 189 17.70 -17.40 28.25
C SER A 189 18.44 -17.68 29.56
N THR A 190 19.47 -16.90 29.82
CA THR A 190 20.23 -17.02 31.06
C THR A 190 20.12 -15.71 31.85
N PRO A 191 20.20 -15.78 33.20
CA PRO A 191 20.11 -14.56 34.00
C PRO A 191 21.27 -13.61 33.74
N LEU A 192 21.00 -12.30 33.76
CA LEU A 192 22.08 -11.33 33.68
C LEU A 192 22.77 -11.28 35.05
N ALA A 193 24.07 -11.58 35.07
CA ALA A 193 24.84 -11.68 36.33
C ALA A 193 24.75 -10.41 37.19
N GLU A 194 24.80 -9.25 36.54
CA GLU A 194 24.76 -7.98 37.26
C GLU A 194 23.39 -7.68 37.86
N ASP A 195 22.34 -8.24 37.28
CA ASP A 195 20.98 -8.08 37.81
C ASP A 195 20.08 -9.15 37.24
N PRO A 196 19.90 -10.27 37.98
CA PRO A 196 19.10 -11.44 37.56
C PRO A 196 17.63 -11.18 37.31
N ASN A 197 17.14 -9.98 37.62
CA ASN A 197 15.81 -9.58 37.15
C ASN A 197 15.76 -9.50 35.62
N TRP A 198 16.94 -9.36 35.02
CA TRP A 198 17.09 -9.35 33.57
C TRP A 198 17.58 -10.70 33.09
N SER A 199 17.20 -11.05 31.87
CA SER A 199 17.74 -12.22 31.21
C SER A 199 18.46 -11.86 29.90
N VAL A 200 19.27 -12.80 29.42
CA VAL A 200 20.07 -12.64 28.22
C VAL A 200 19.64 -13.71 27.22
N THR A 201 19.13 -13.27 26.06
CA THR A 201 18.75 -14.18 24.99
C THR A 201 19.65 -13.96 23.79
N GLU A 202 20.38 -15.01 23.43
CA GLU A 202 21.25 -15.00 22.25
C GLU A 202 20.54 -15.69 21.11
N PHE A 203 20.73 -15.16 19.91
CA PHE A 203 20.11 -15.74 18.72
C PHE A 203 21.17 -16.34 17.81
N GLU A 204 20.74 -17.31 17.00
CA GLU A 204 21.62 -17.93 16.02
C GLU A 204 22.07 -16.88 15.00
N THR A 205 23.25 -17.08 14.46
CA THR A 205 23.80 -16.24 13.40
C THR A 205 22.83 -16.16 12.22
N THR A 206 22.55 -14.93 11.74
CA THR A 206 21.73 -14.75 10.55
C THR A 206 22.51 -15.20 9.33
N PRO A 207 21.82 -15.45 8.20
CA PRO A 207 22.58 -15.55 6.97
C PRO A 207 23.20 -14.19 6.60
N VAL A 208 24.09 -14.17 5.62
CA VAL A 208 24.55 -12.92 5.03
C VAL A 208 23.31 -12.12 4.63
N MET A 209 23.18 -10.90 5.16
CA MET A 209 21.93 -10.13 4.96
C MET A 209 22.12 -8.61 5.09
N SER A 210 21.09 -7.86 4.69
CA SER A 210 21.12 -6.41 4.75
C SER A 210 20.67 -5.88 6.13
N THR A 211 21.32 -4.81 6.58
CA THR A 211 20.95 -4.14 7.83
C THR A 211 19.49 -3.70 7.91
N TYR A 212 18.91 -3.25 6.79
CA TYR A 212 17.52 -2.74 6.83
C TYR A 212 16.48 -3.84 7.12
N LEU A 213 16.91 -5.10 7.15
CA LEU A 213 15.98 -6.22 7.34
C LEU A 213 16.13 -6.89 8.71
N LEU A 214 17.02 -6.32 9.54
CA LEU A 214 17.17 -6.77 10.93
C LEU A 214 15.96 -6.42 11.78
N ALA A 215 15.69 -7.27 12.79
CA ALA A 215 14.60 -6.99 13.73
C ALA A 215 14.86 -7.66 15.06
N TYR A 216 14.39 -7.02 16.12
CA TYR A 216 14.46 -7.60 17.47
C TYR A 216 13.36 -6.96 18.30
N ILE A 217 12.68 -7.77 19.10
CA ILE A 217 11.48 -7.33 19.78
C ILE A 217 11.45 -7.93 21.19
N VAL A 218 11.13 -7.10 22.18
CA VAL A 218 10.98 -7.53 23.57
C VAL A 218 9.57 -7.15 23.97
N SER A 219 8.78 -8.14 24.36
CA SER A 219 7.35 -7.94 24.67
C SER A 219 6.77 -9.05 25.55
N GLU A 220 5.50 -8.87 25.93
CA GLU A 220 4.72 -9.89 26.64
C GLU A 220 3.90 -10.75 25.69
N PHE A 221 4.21 -10.70 24.40
CA PHE A 221 3.34 -11.31 23.40
C PHE A 221 3.35 -12.82 23.49
N GLN A 222 2.26 -13.42 23.02
CA GLN A 222 2.11 -14.87 22.95
C GLN A 222 1.86 -15.26 21.51
N SER A 223 1.93 -16.56 21.22
CA SER A 223 1.83 -17.02 19.85
C SER A 223 0.91 -18.22 19.65
N VAL A 224 0.41 -18.38 18.43
CA VAL A 224 -0.08 -19.66 17.94
C VAL A 224 0.95 -20.20 16.94
N ASN A 225 1.16 -21.52 16.98
CA ASN A 225 2.27 -22.16 16.25
C ASN A 225 1.84 -23.33 15.36
N GLU A 226 2.65 -23.58 14.34
CA GLU A 226 2.52 -24.74 13.48
C GLU A 226 3.92 -25.14 13.05
N THR A 227 4.20 -26.43 12.99
CA THR A 227 5.44 -26.89 12.37
C THR A 227 5.09 -27.46 11.01
N ALA A 228 5.65 -26.87 9.96
CA ALA A 228 5.48 -27.40 8.60
C ALA A 228 6.13 -28.78 8.50
N GLN A 229 5.80 -29.51 7.44
CA GLN A 229 6.32 -30.88 7.23
C GLN A 229 7.84 -30.92 7.12
N ASN A 230 8.41 -29.86 6.55
CA ASN A 230 9.87 -29.73 6.41
C ASN A 230 10.57 -29.22 7.68
N GLY A 231 9.82 -29.12 8.78
CA GLY A 231 10.37 -28.72 10.08
C GLY A 231 10.41 -27.22 10.36
N VAL A 232 10.12 -26.41 9.35
CA VAL A 232 10.04 -24.95 9.54
C VAL A 232 8.95 -24.60 10.56
N LEU A 233 9.34 -23.92 11.63
CA LEU A 233 8.41 -23.48 12.65
C LEU A 233 7.74 -22.17 12.22
N ILE A 234 6.41 -22.18 12.26
CA ILE A 234 5.61 -21.02 11.90
C ILE A 234 4.87 -20.53 13.15
N ARG A 235 5.03 -19.25 13.47
CA ARG A 235 4.34 -18.64 14.60
C ARG A 235 3.72 -17.30 14.26
N ILE A 236 2.54 -17.05 14.81
CA ILE A 236 1.87 -15.77 14.74
C ILE A 236 1.88 -15.24 16.18
N TRP A 237 2.47 -14.05 16.36
CA TRP A 237 2.59 -13.40 17.67
C TRP A 237 1.65 -12.23 17.78
N ALA A 238 1.07 -12.05 18.98
CA ALA A 238 0.17 -10.93 19.25
C ALA A 238 -0.01 -10.73 20.76
N ARG A 239 -0.69 -9.64 21.14
CA ARG A 239 -1.09 -9.41 22.53
C ARG A 239 -1.78 -10.66 23.10
N PRO A 240 -1.47 -11.03 24.35
CA PRO A 240 -2.08 -12.22 24.95
C PRO A 240 -3.61 -12.29 24.81
N ASN A 241 -4.30 -11.15 24.96
CA ASN A 241 -5.77 -11.14 24.78
C ASN A 241 -6.19 -11.45 23.34
N ALA A 242 -5.49 -10.89 22.37
CA ALA A 242 -5.78 -11.15 20.95
C ALA A 242 -5.60 -12.62 20.62
N ILE A 243 -4.53 -13.23 21.14
CA ILE A 243 -4.27 -14.64 20.92
C ILE A 243 -5.37 -15.51 21.55
N ALA A 244 -5.72 -15.20 22.80
CA ALA A 244 -6.78 -15.91 23.51
C ALA A 244 -8.10 -15.89 22.76
N GLU A 245 -8.45 -14.75 22.16
CA GLU A 245 -9.69 -14.63 21.36
C GLU A 245 -9.64 -15.39 20.02
N GLY A 246 -8.46 -15.90 19.66
CA GLY A 246 -8.31 -16.69 18.43
C GLY A 246 -8.09 -15.85 17.17
N HIS A 247 -7.72 -14.59 17.36
CA HIS A 247 -7.60 -13.66 16.23
C HIS A 247 -6.36 -13.89 15.35
N GLY A 248 -5.48 -14.78 15.80
CA GLY A 248 -4.28 -15.11 15.06
C GLY A 248 -4.46 -16.31 14.16
N MET A 249 -5.63 -16.94 14.24
CA MET A 249 -5.85 -18.20 13.53
C MET A 249 -5.83 -18.10 12.01
N TYR A 250 -6.47 -17.08 11.45
CA TYR A 250 -6.52 -17.01 9.98
C TYR A 250 -5.11 -16.85 9.40
N ALA A 251 -4.31 -15.96 10.00
CA ALA A 251 -2.92 -15.78 9.58
C ALA A 251 -2.12 -17.08 9.65
N LEU A 252 -2.25 -17.81 10.75
CA LEU A 252 -1.63 -19.13 10.89
C LEU A 252 -2.09 -20.10 9.79
N ASN A 253 -3.39 -20.06 9.49
CA ASN A 253 -3.97 -20.89 8.43
C ASN A 253 -3.35 -20.71 7.06
N VAL A 254 -3.11 -19.45 6.67
CA VAL A 254 -2.66 -19.17 5.30
C VAL A 254 -1.14 -19.22 5.13
N THR A 255 -0.41 -19.07 6.24
CA THR A 255 1.05 -18.89 6.17
C THR A 255 1.78 -20.08 5.56
N GLY A 256 1.51 -21.27 6.10
CA GLY A 256 2.13 -22.50 5.58
C GLY A 256 1.89 -22.69 4.10
N PRO A 257 0.62 -22.64 3.65
CA PRO A 257 0.36 -22.73 2.21
C PRO A 257 1.07 -21.66 1.37
N ILE A 258 1.12 -20.42 1.86
CA ILE A 258 1.79 -19.34 1.09
C ILE A 258 3.29 -19.59 0.96
N LEU A 259 3.93 -19.99 2.07
CA LEU A 259 5.35 -20.35 2.05
C LEU A 259 5.63 -21.49 1.07
N ASN A 260 4.75 -22.48 1.05
CA ASN A 260 4.89 -23.61 0.13
C ASN A 260 4.77 -23.15 -1.31
N PHE A 261 3.75 -22.34 -1.57
CA PHE A 261 3.61 -21.78 -2.90
C PHE A 261 4.88 -21.08 -3.37
N PHE A 262 5.44 -20.21 -2.53
CA PHE A 262 6.60 -19.42 -2.96
C PHE A 262 7.87 -20.24 -3.15
N ALA A 263 8.11 -21.23 -2.28
CA ALA A 263 9.30 -22.09 -2.45
C ALA A 263 9.29 -22.76 -3.83
N ASN A 264 8.11 -23.23 -4.22
CA ASN A 264 7.88 -23.82 -5.54
C ASN A 264 7.93 -22.78 -6.66
N HIS A 265 7.20 -21.67 -6.49
CA HIS A 265 7.19 -20.58 -7.47
C HIS A 265 8.60 -20.09 -7.77
N TYR A 266 9.42 -20.01 -6.72
CA TYR A 266 10.76 -19.46 -6.84
C TYR A 266 11.78 -20.56 -7.12
N ASN A 267 11.33 -21.82 -7.08
CA ASN A 267 12.21 -22.96 -7.26
C ASN A 267 13.40 -22.91 -6.28
N THR A 268 13.12 -22.42 -5.05
CA THR A 268 14.12 -22.20 -4.02
C THR A 268 13.49 -22.43 -2.66
N SER A 269 14.13 -23.25 -1.84
CA SER A 269 13.70 -23.49 -0.48
C SER A 269 13.66 -22.19 0.34
N TYR A 270 12.67 -22.10 1.23
CA TYR A 270 12.62 -21.05 2.23
C TYR A 270 13.98 -21.02 2.94
N PRO A 271 14.68 -19.87 2.90
CA PRO A 271 16.08 -19.83 3.33
C PRO A 271 16.33 -19.69 4.84
N LEU A 272 15.30 -19.82 5.68
CA LEU A 272 15.44 -19.66 7.14
C LEU A 272 14.85 -20.83 7.95
N PRO A 273 15.31 -21.02 9.20
CA PRO A 273 14.76 -22.15 9.97
C PRO A 273 13.34 -21.91 10.50
N LYS A 274 12.89 -20.66 10.55
CA LYS A 274 11.57 -20.36 11.10
C LYS A 274 10.97 -19.08 10.51
N SER A 275 9.67 -18.95 10.70
CA SER A 275 8.91 -17.77 10.27
C SER A 275 8.13 -17.25 11.46
N ASP A 276 8.45 -16.04 11.91
CA ASP A 276 7.63 -15.33 12.88
C ASP A 276 6.94 -14.17 12.18
N GLN A 277 5.67 -13.95 12.52
CA GLN A 277 4.94 -12.77 12.08
C GLN A 277 4.30 -12.21 13.33
N ILE A 278 4.36 -10.89 13.49
CA ILE A 278 3.90 -10.26 14.73
C ILE A 278 2.96 -9.10 14.46
N ALA A 279 1.83 -9.11 15.17
CA ALA A 279 0.82 -8.05 15.10
C ALA A 279 1.07 -6.99 16.17
N LEU A 280 1.43 -5.77 15.73
CA LEU A 280 1.75 -4.67 16.63
C LEU A 280 0.60 -3.66 16.62
N PRO A 281 0.12 -3.26 17.81
CA PRO A 281 -0.95 -2.23 17.82
C PRO A 281 -0.42 -0.89 17.31
N ASP A 282 -1.13 -0.28 16.36
CA ASP A 282 -0.78 1.07 15.83
C ASP A 282 0.59 1.18 15.13
N PHE A 283 1.05 0.08 14.52
CA PHE A 283 2.24 0.10 13.66
C PHE A 283 1.89 0.83 12.36
N ASN A 284 2.29 2.10 12.27
CA ASN A 284 1.90 3.01 11.18
C ASN A 284 2.50 2.66 9.82
N ALA A 285 3.63 1.98 9.82
CA ALA A 285 4.27 1.54 8.59
C ALA A 285 3.44 0.44 7.90
N GLY A 286 2.47 -0.12 8.64
CA GLY A 286 1.55 -1.12 8.09
C GLY A 286 2.08 -2.54 8.05
N ALA A 287 3.23 -2.74 7.41
CA ALA A 287 3.92 -4.05 7.38
C ALA A 287 5.38 -3.94 6.92
N MET A 288 6.28 -4.71 7.55
CA MET A 288 7.70 -4.68 7.17
C MET A 288 8.32 -6.09 7.13
N GLU A 289 8.95 -6.40 6.00
CA GLU A 289 9.39 -7.76 5.65
C GLU A 289 10.70 -8.23 6.31
N ASN A 290 10.97 -7.82 7.55
CA ASN A 290 12.20 -8.22 8.23
C ASN A 290 12.37 -9.75 8.13
N TRP A 291 13.58 -10.19 7.83
CA TRP A 291 13.83 -11.57 7.41
C TRP A 291 13.68 -12.52 8.58
N GLY A 292 12.57 -13.25 8.59
CA GLY A 292 12.27 -14.22 9.65
C GLY A 292 11.45 -13.67 10.79
N LEU A 293 11.18 -12.36 10.76
CA LEU A 293 10.40 -11.70 11.80
C LEU A 293 9.66 -10.51 11.20
N VAL A 294 8.56 -10.82 10.52
CA VAL A 294 7.80 -9.83 9.78
C VAL A 294 6.84 -9.12 10.73
N THR A 295 6.85 -7.79 10.69
CA THR A 295 5.98 -6.96 11.54
C THR A 295 4.77 -6.44 10.77
N TYR A 296 3.62 -6.41 11.45
CA TYR A 296 2.34 -5.97 10.88
C TYR A 296 1.62 -5.09 11.87
N ARG A 297 0.81 -4.16 11.37
CA ARG A 297 -0.17 -3.55 12.26
C ARG A 297 -1.23 -4.61 12.54
N GLU A 298 -1.85 -4.52 13.72
CA GLU A 298 -2.80 -5.55 14.17
C GLU A 298 -3.91 -5.85 13.19
N ASN A 299 -4.52 -4.81 12.64
CA ASN A 299 -5.63 -4.96 11.69
C ASN A 299 -5.18 -5.51 10.33
N ALA A 300 -3.87 -5.61 10.12
CA ALA A 300 -3.36 -6.20 8.90
C ALA A 300 -3.15 -7.70 9.05
N LEU A 301 -2.94 -8.16 10.29
CA LEU A 301 -2.58 -9.56 10.50
C LEU A 301 -3.65 -10.37 11.22
N LEU A 302 -4.35 -9.73 12.15
CA LEU A 302 -5.35 -10.41 12.95
C LEU A 302 -6.70 -10.36 12.27
N PHE A 303 -7.53 -11.35 12.60
CA PHE A 303 -8.85 -11.45 12.00
C PHE A 303 -9.83 -12.03 13.00
N ASP A 304 -10.93 -11.31 13.22
CA ASP A 304 -12.02 -11.77 14.09
C ASP A 304 -13.24 -12.13 13.24
N PRO A 305 -13.51 -13.43 13.08
CA PRO A 305 -14.64 -13.89 12.26
C PRO A 305 -15.98 -13.29 12.72
N GLN A 306 -16.09 -13.01 14.02
CA GLN A 306 -17.31 -12.46 14.62
C GLN A 306 -17.66 -11.06 14.11
N SER A 307 -16.65 -10.21 13.92
CA SER A 307 -16.91 -8.81 13.57
C SER A 307 -16.30 -8.38 12.24
N SER A 308 -15.35 -9.15 11.72
CA SER A 308 -14.62 -8.75 10.52
C SER A 308 -15.30 -9.17 9.23
N SER A 309 -15.32 -8.25 8.26
CA SER A 309 -15.89 -8.51 6.95
C SER A 309 -14.94 -9.33 6.08
N ILE A 310 -15.46 -9.77 4.94
CA ILE A 310 -14.70 -10.51 3.95
C ILE A 310 -13.53 -9.69 3.37
N SER A 311 -13.73 -8.38 3.19
CA SER A 311 -12.65 -7.51 2.70
C SER A 311 -11.48 -7.49 3.69
N ASN A 312 -11.78 -7.61 4.98
CA ASN A 312 -10.76 -7.78 6.02
C ASN A 312 -9.94 -9.06 5.85
N LYS A 313 -10.61 -10.16 5.52
CA LYS A 313 -9.93 -11.42 5.22
C LYS A 313 -9.00 -11.26 4.04
N GLU A 314 -9.48 -10.59 3.00
CA GLU A 314 -8.69 -10.37 1.78
C GLU A 314 -7.44 -9.56 2.10
N ARG A 315 -7.58 -8.55 2.97
CA ARG A 315 -6.45 -7.71 3.34
C ARG A 315 -5.39 -8.55 4.04
N VAL A 316 -5.81 -9.44 4.95
CA VAL A 316 -4.88 -10.27 5.72
C VAL A 316 -4.11 -11.21 4.82
N VAL A 317 -4.80 -11.95 3.98
CA VAL A 317 -4.11 -12.94 3.15
C VAL A 317 -3.15 -12.31 2.12
N THR A 318 -3.54 -11.18 1.55
CA THR A 318 -2.69 -10.49 0.57
C THR A 318 -1.49 -9.77 1.24
N VAL A 319 -1.70 -9.12 2.39
CA VAL A 319 -0.57 -8.48 3.08
C VAL A 319 0.47 -9.52 3.55
N ILE A 320 0.00 -10.66 4.05
CA ILE A 320 0.89 -11.78 4.38
C ILE A 320 1.65 -12.26 3.14
N ALA A 321 0.93 -12.55 2.06
CA ALA A 321 1.57 -13.04 0.84
C ALA A 321 2.62 -12.03 0.35
N HIS A 322 2.32 -10.75 0.50
CA HIS A 322 3.25 -9.71 0.06
C HIS A 322 4.58 -9.79 0.83
N GLU A 323 4.48 -9.81 2.17
CA GLU A 323 5.69 -9.83 3.00
C GLU A 323 6.45 -11.13 2.80
N LEU A 324 5.72 -12.23 2.66
CA LEU A 324 6.38 -13.53 2.53
C LEU A 324 7.10 -13.63 1.19
N ALA A 325 6.54 -12.98 0.17
CA ALA A 325 7.19 -12.93 -1.14
C ALA A 325 8.62 -12.39 -1.03
N HIS A 326 8.80 -11.36 -0.18
CA HIS A 326 10.10 -10.71 0.00
C HIS A 326 11.15 -11.63 0.62
N GLN A 327 10.72 -12.67 1.34
CA GLN A 327 11.70 -13.53 2.04
C GLN A 327 12.65 -14.19 1.06
N TRP A 328 12.24 -14.24 -0.21
CA TRP A 328 13.15 -14.56 -1.29
C TRP A 328 13.50 -13.29 -2.11
N PHE A 329 12.49 -12.70 -2.75
CA PHE A 329 12.73 -11.57 -3.65
C PHE A 329 12.78 -10.27 -2.86
N GLY A 330 14.01 -9.78 -2.67
CA GLY A 330 14.28 -8.63 -1.81
C GLY A 330 15.23 -8.94 -0.68
N ASN A 331 14.99 -10.04 0.05
CA ASN A 331 15.81 -10.38 1.23
C ASN A 331 16.94 -11.36 0.91
N LEU A 332 16.63 -12.41 0.16
CA LEU A 332 17.66 -13.35 -0.28
C LEU A 332 18.50 -12.71 -1.39
N VAL A 333 17.83 -12.12 -2.38
CA VAL A 333 18.49 -11.35 -3.41
C VAL A 333 18.02 -9.92 -3.25
N THR A 334 18.97 -9.04 -3.00
CA THR A 334 18.66 -7.65 -2.63
C THR A 334 19.07 -6.64 -3.69
N LEU A 335 18.18 -5.72 -4.03
CA LEU A 335 18.55 -4.66 -4.97
C LEU A 335 19.65 -3.81 -4.36
N ALA A 336 20.71 -3.56 -5.15
CA ALA A 336 21.93 -2.92 -4.64
C ALA A 336 21.70 -1.54 -4.07
N TRP A 337 20.66 -0.84 -4.56
CA TRP A 337 20.44 0.52 -4.13
C TRP A 337 18.97 0.91 -4.26
N TRP A 338 18.60 1.91 -3.46
CA TRP A 338 17.22 2.36 -3.32
C TRP A 338 16.59 2.89 -4.60
N ASN A 339 17.39 3.30 -5.59
CA ASN A 339 16.79 3.75 -6.85
C ASN A 339 16.04 2.62 -7.58
N ASP A 340 16.38 1.37 -7.23
CA ASP A 340 15.71 0.20 -7.79
C ASP A 340 14.66 -0.37 -6.84
N LEU A 341 14.22 0.41 -5.84
CA LEU A 341 13.17 -0.04 -4.92
C LEU A 341 11.93 -0.55 -5.65
N TRP A 342 11.54 0.12 -6.74
CA TRP A 342 10.39 -0.27 -7.57
C TRP A 342 10.40 -1.76 -7.96
N LEU A 343 11.56 -2.32 -8.27
CA LEU A 343 11.62 -3.73 -8.67
C LEU A 343 11.24 -4.63 -7.47
N ASN A 344 11.80 -4.32 -6.31
CA ASN A 344 11.49 -5.10 -5.12
C ASN A 344 10.03 -4.97 -4.69
N GLU A 345 9.57 -3.73 -4.47
CA GLU A 345 8.19 -3.52 -4.03
C GLU A 345 7.15 -3.80 -5.12
N GLY A 346 7.51 -3.51 -6.37
CA GLY A 346 6.65 -3.82 -7.50
C GLY A 346 6.45 -5.33 -7.63
N PHE A 347 7.55 -6.08 -7.53
CA PHE A 347 7.46 -7.53 -7.63
C PHE A 347 6.57 -8.12 -6.53
N ALA A 348 6.83 -7.73 -5.28
CA ALA A 348 6.00 -8.17 -4.14
C ALA A 348 4.54 -7.78 -4.31
N SER A 349 4.29 -6.56 -4.80
CA SER A 349 2.93 -6.05 -5.03
C SER A 349 2.18 -6.82 -6.12
N TYR A 350 2.91 -7.43 -7.04
CA TYR A 350 2.32 -8.33 -8.04
C TYR A 350 2.09 -9.73 -7.47
N VAL A 351 3.14 -10.38 -6.99
CA VAL A 351 3.03 -11.80 -6.58
C VAL A 351 2.27 -12.01 -5.27
N GLU A 352 2.01 -10.94 -4.53
CA GLU A 352 1.11 -11.09 -3.37
C GLU A 352 -0.23 -11.72 -3.80
N TYR A 353 -0.71 -11.40 -5.01
CA TYR A 353 -1.98 -11.96 -5.49
C TYR A 353 -1.83 -13.46 -5.81
N LEU A 354 -0.68 -13.85 -6.38
CA LEU A 354 -0.39 -15.26 -6.69
C LEU A 354 -0.31 -16.10 -5.41
N GLY A 355 0.48 -15.63 -4.44
CA GLY A 355 0.60 -16.31 -3.14
C GLY A 355 -0.74 -16.42 -2.42
N ALA A 356 -1.49 -15.32 -2.39
CA ALA A 356 -2.83 -15.31 -1.79
C ALA A 356 -3.81 -16.23 -2.54
N ASP A 357 -3.72 -16.25 -3.87
CA ASP A 357 -4.57 -17.14 -4.69
C ASP A 357 -4.35 -18.61 -4.31
N HIS A 358 -3.10 -18.97 -3.98
CA HIS A 358 -2.83 -20.32 -3.54
C HIS A 358 -3.54 -20.67 -2.22
N ALA A 359 -3.51 -19.72 -1.29
CA ALA A 359 -4.18 -19.90 0.00
C ALA A 359 -5.70 -19.90 -0.14
N GLU A 360 -6.20 -19.12 -1.09
CA GLU A 360 -7.66 -18.97 -1.28
C GLU A 360 -8.01 -19.13 -2.76
N PRO A 361 -7.90 -20.38 -3.27
CA PRO A 361 -8.00 -20.62 -4.72
C PRO A 361 -9.41 -20.47 -5.30
N THR A 362 -10.43 -20.38 -4.46
CA THR A 362 -11.80 -20.18 -4.97
C THR A 362 -12.14 -18.70 -5.12
N TRP A 363 -11.24 -17.81 -4.68
CA TRP A 363 -11.55 -16.38 -4.62
C TRP A 363 -11.27 -15.57 -5.88
N ASN A 364 -10.52 -16.13 -6.84
CA ASN A 364 -10.13 -15.37 -8.03
C ASN A 364 -9.36 -14.09 -7.70
N LEU A 365 -8.52 -14.15 -6.67
CA LEU A 365 -7.79 -12.99 -6.15
C LEU A 365 -6.92 -12.27 -7.16
N LYS A 366 -6.40 -13.01 -8.14
CA LYS A 366 -5.49 -12.43 -9.12
C LYS A 366 -6.12 -11.30 -9.94
N ASP A 367 -7.45 -11.34 -10.09
CA ASP A 367 -8.18 -10.29 -10.81
C ASP A 367 -8.02 -8.91 -10.14
N LEU A 368 -7.89 -8.90 -8.81
CA LEU A 368 -7.98 -7.67 -8.01
C LEU A 368 -6.82 -6.68 -8.24
N ILE A 369 -5.77 -7.15 -8.90
CA ILE A 369 -4.65 -6.28 -9.25
C ILE A 369 -5.08 -5.17 -10.23
N VAL A 370 -6.11 -5.45 -11.03
CA VAL A 370 -6.59 -4.50 -12.02
C VAL A 370 -7.25 -3.29 -11.34
N PRO A 371 -8.32 -3.51 -10.55
CA PRO A 371 -8.82 -2.36 -9.80
C PRO A 371 -7.84 -1.85 -8.75
N GLY A 372 -7.18 -2.77 -8.04
CA GLY A 372 -6.35 -2.42 -6.89
C GLY A 372 -5.06 -1.70 -7.22
N ASP A 373 -4.43 -2.07 -8.33
CA ASP A 373 -3.13 -1.48 -8.69
C ASP A 373 -3.09 -0.77 -10.04
N VAL A 374 -3.56 -1.43 -11.09
CA VAL A 374 -3.48 -0.90 -12.45
C VAL A 374 -4.22 0.42 -12.61
N TYR A 375 -5.53 0.43 -12.36
CA TYR A 375 -6.31 1.64 -12.59
C TYR A 375 -6.05 2.67 -11.50
N ARG A 376 -5.67 2.18 -10.32
CA ARG A 376 -5.27 3.05 -9.23
C ARG A 376 -4.07 3.89 -9.66
N VAL A 377 -3.00 3.25 -10.13
CA VAL A 377 -1.78 3.98 -10.49
C VAL A 377 -1.88 4.76 -11.81
N MET A 378 -2.72 4.29 -12.73
CA MET A 378 -2.95 5.02 -13.98
C MET A 378 -3.49 6.43 -13.72
N ALA A 379 -4.29 6.58 -12.66
CA ALA A 379 -4.80 7.89 -12.25
C ALA A 379 -3.68 8.93 -12.05
N VAL A 380 -2.58 8.52 -11.42
CA VAL A 380 -1.44 9.44 -11.19
C VAL A 380 -0.35 9.39 -12.28
N ASP A 381 -0.29 8.30 -13.03
CA ASP A 381 0.70 8.17 -14.12
C ASP A 381 0.23 8.83 -15.43
N ALA A 382 -1.04 9.25 -15.46
CA ALA A 382 -1.61 9.94 -16.60
C ALA A 382 -1.59 11.45 -16.36
N LEU A 383 -0.59 11.89 -15.59
CA LEU A 383 -0.35 13.29 -15.30
C LEU A 383 1.02 13.70 -15.80
N ALA A 384 1.15 14.97 -16.18
CA ALA A 384 2.45 15.52 -16.60
C ALA A 384 3.46 15.51 -15.46
N SER A 385 2.95 15.48 -14.23
CA SER A 385 3.79 15.51 -13.02
C SER A 385 4.25 14.13 -12.55
N SER A 386 4.08 13.11 -13.39
CA SER A 386 4.54 11.76 -13.02
C SER A 386 6.05 11.62 -13.13
N HIS A 387 6.55 10.39 -12.96
CA HIS A 387 7.98 10.13 -13.07
C HIS A 387 8.22 8.67 -13.49
N PRO A 388 9.36 8.39 -14.18
CA PRO A 388 9.70 7.03 -14.58
C PRO A 388 9.90 6.11 -13.37
N LEU A 389 9.68 4.81 -13.55
CA LEU A 389 10.02 3.83 -12.52
C LEU A 389 11.48 3.93 -12.12
N THR A 390 12.35 4.05 -13.11
CA THR A 390 13.79 4.13 -12.89
C THR A 390 14.25 5.53 -12.53
N THR A 391 15.24 5.62 -11.65
CA THR A 391 15.89 6.86 -11.25
C THR A 391 17.39 6.55 -11.31
N PRO A 392 18.20 7.48 -11.85
CA PRO A 392 19.64 7.21 -11.78
C PRO A 392 20.07 7.08 -10.32
N ALA A 393 20.95 6.11 -10.05
CA ALA A 393 21.39 5.84 -8.67
C ALA A 393 22.03 7.06 -8.03
N GLU A 394 22.75 7.85 -8.83
CA GLU A 394 23.48 9.02 -8.34
C GLU A 394 22.56 10.19 -7.97
N GLU A 395 21.27 10.06 -8.28
CA GLU A 395 20.30 11.07 -7.86
C GLU A 395 19.63 10.70 -6.53
N VAL A 396 19.86 9.48 -6.05
CA VAL A 396 19.25 9.02 -4.80
C VAL A 396 20.35 8.85 -3.74
N ASN A 397 20.44 9.83 -2.84
CA ASN A 397 21.56 9.89 -1.88
C ASN A 397 21.14 10.08 -0.43
N THR A 398 20.22 11.00 -0.19
CA THR A 398 19.87 11.35 1.19
C THR A 398 18.78 10.43 1.71
N PRO A 399 18.64 10.33 3.05
CA PRO A 399 17.54 9.53 3.57
C PRO A 399 16.17 10.02 3.07
N ALA A 400 16.01 11.34 2.86
CA ALA A 400 14.74 11.87 2.33
C ALA A 400 14.52 11.45 0.88
N GLN A 401 15.58 11.46 0.08
CA GLN A 401 15.49 11.01 -1.33
C GLN A 401 15.14 9.53 -1.42
N ILE A 402 15.76 8.74 -0.54
CA ILE A 402 15.45 7.32 -0.41
C ILE A 402 13.97 7.11 -0.09
N SER A 403 13.44 7.83 0.90
CA SER A 403 12.03 7.71 1.28
C SER A 403 11.06 8.05 0.14
N GLU A 404 11.45 8.98 -0.73
CA GLU A 404 10.64 9.37 -1.87
C GLU A 404 10.44 8.23 -2.89
N MET A 405 11.31 7.22 -2.84
CA MET A 405 11.15 6.02 -3.69
C MET A 405 9.89 5.21 -3.38
N PHE A 406 9.37 5.34 -2.15
CA PHE A 406 8.28 4.49 -1.70
C PHE A 406 6.94 5.11 -2.04
N ASP A 407 6.54 5.05 -3.30
CA ASP A 407 5.28 5.67 -3.68
C ASP A 407 4.46 4.76 -4.59
N SER A 408 3.31 5.27 -4.99
CA SER A 408 2.33 4.58 -5.82
C SER A 408 2.93 4.07 -7.14
N ILE A 409 3.78 4.86 -7.77
CA ILE A 409 4.45 4.45 -9.00
C ILE A 409 5.31 3.20 -8.73
N SER A 410 6.19 3.27 -7.73
CA SER A 410 7.09 2.15 -7.40
C SER A 410 6.32 0.87 -7.11
N TYR A 411 5.29 0.98 -6.27
CA TYR A 411 4.53 -0.19 -5.88
C TYR A 411 3.60 -0.67 -6.98
N SER A 412 2.65 0.19 -7.37
CA SER A 412 1.54 -0.22 -8.25
C SER A 412 1.87 -0.26 -9.74
N LYS A 413 2.68 0.70 -10.23
CA LYS A 413 3.10 0.63 -11.63
C LYS A 413 4.14 -0.47 -11.75
N GLY A 414 5.05 -0.54 -10.76
CA GLY A 414 5.99 -1.67 -10.67
C GLY A 414 5.29 -3.02 -10.79
N ALA A 415 4.26 -3.23 -9.97
CA ALA A 415 3.44 -4.44 -10.07
C ALA A 415 2.81 -4.61 -11.46
N SER A 416 2.27 -3.51 -12.00
CA SER A 416 1.59 -3.56 -13.29
C SER A 416 2.55 -3.97 -14.42
N VAL A 417 3.72 -3.35 -14.51
CA VAL A 417 4.64 -3.65 -15.61
C VAL A 417 5.27 -5.04 -15.47
N ILE A 418 5.50 -5.49 -14.24
CA ILE A 418 6.03 -6.84 -14.01
C ILE A 418 4.98 -7.90 -14.39
N ARG A 419 3.73 -7.67 -14.02
CA ARG A 419 2.65 -8.56 -14.43
C ARG A 419 2.54 -8.62 -15.97
N MET A 420 2.69 -7.48 -16.63
CA MET A 420 2.68 -7.43 -18.10
C MET A 420 3.83 -8.28 -18.68
N LEU A 421 5.01 -8.14 -18.08
CA LEU A 421 6.20 -8.87 -18.47
C LEU A 421 5.99 -10.39 -18.34
N SER A 422 5.56 -10.84 -17.17
CA SER A 422 5.27 -12.24 -16.96
C SER A 422 4.26 -12.75 -18.00
N ASN A 423 3.22 -11.96 -18.25
CA ASN A 423 2.20 -12.35 -19.22
C ASN A 423 2.68 -12.50 -20.67
N PHE A 424 3.52 -11.58 -21.15
CA PHE A 424 3.99 -11.71 -22.52
C PHE A 424 5.13 -12.73 -22.69
N LEU A 425 5.82 -13.03 -21.60
CA LEU A 425 6.82 -14.09 -21.61
C LEU A 425 6.17 -15.46 -21.40
N THR A 426 4.94 -15.47 -20.90
CA THR A 426 4.30 -16.64 -20.23
C THR A 426 4.93 -16.90 -18.86
N GLU A 427 4.08 -17.28 -17.91
CA GLU A 427 4.53 -17.48 -16.53
C GLU A 427 5.62 -18.54 -16.43
N ASP A 428 5.50 -19.61 -17.19
CA ASP A 428 6.49 -20.69 -17.15
C ASP A 428 7.88 -20.20 -17.49
N LEU A 429 7.97 -19.37 -18.53
CA LEU A 429 9.25 -18.79 -18.94
C LEU A 429 9.73 -17.74 -17.94
N PHE A 430 8.80 -16.89 -17.47
CA PHE A 430 9.12 -15.90 -16.44
C PHE A 430 9.70 -16.59 -15.19
N LYS A 431 9.02 -17.62 -14.71
CA LYS A 431 9.48 -18.38 -13.54
C LYS A 431 10.87 -18.99 -13.74
N GLU A 432 11.18 -19.42 -14.97
CA GLU A 432 12.51 -20.02 -15.23
C GLU A 432 13.63 -18.97 -15.11
N GLY A 433 13.40 -17.81 -15.70
CA GLY A 433 14.34 -16.68 -15.56
C GLY A 433 14.45 -16.24 -14.10
N LEU A 434 13.31 -16.15 -13.41
CA LEU A 434 13.28 -15.76 -12.00
C LEU A 434 14.12 -16.69 -11.11
N ALA A 435 13.98 -18.00 -11.32
CA ALA A 435 14.74 -19.02 -10.58
C ALA A 435 16.22 -18.88 -10.87
N SER A 436 16.56 -18.68 -12.13
CA SER A 436 17.95 -18.50 -12.56
C SER A 436 18.56 -17.27 -11.88
N TYR A 437 17.80 -16.18 -11.80
CA TYR A 437 18.20 -14.95 -11.15
C TYR A 437 18.47 -15.17 -9.65
N LEU A 438 17.51 -15.79 -8.95
CA LEU A 438 17.64 -16.04 -7.51
C LEU A 438 18.80 -16.99 -7.18
N HIS A 439 19.00 -18.03 -8.00
CA HIS A 439 20.09 -18.97 -7.76
C HIS A 439 21.45 -18.30 -7.97
N ALA A 440 21.55 -17.46 -8.99
CA ALA A 440 22.80 -16.77 -9.31
C ALA A 440 23.19 -15.69 -8.31
N PHE A 441 22.22 -14.99 -7.72
CA PHE A 441 22.53 -13.86 -6.86
C PHE A 441 22.15 -14.03 -5.38
N ALA A 442 21.85 -15.26 -4.97
CA ALA A 442 21.50 -15.59 -3.58
C ALA A 442 22.53 -15.01 -2.61
N TYR A 443 22.04 -14.32 -1.58
CA TYR A 443 22.88 -13.69 -0.54
C TYR A 443 23.74 -12.53 -1.08
N GLN A 444 23.37 -12.03 -2.26
CA GLN A 444 24.09 -10.91 -2.89
C GLN A 444 23.12 -9.80 -3.30
N ASN A 445 23.55 -8.93 -4.21
CA ASN A 445 22.78 -7.75 -4.59
C ASN A 445 22.77 -7.65 -6.13
N THR A 446 21.78 -6.94 -6.66
CA THR A 446 21.52 -6.88 -8.10
C THR A 446 21.02 -5.50 -8.51
N THR A 447 20.95 -5.27 -9.82
CA THR A 447 20.11 -4.21 -10.37
C THR A 447 19.03 -4.87 -11.21
N TYR A 448 18.02 -4.09 -11.62
CA TYR A 448 16.96 -4.59 -12.47
C TYR A 448 17.51 -5.20 -13.78
N LEU A 449 18.66 -4.70 -14.23
CA LEU A 449 19.29 -5.24 -15.44
C LEU A 449 19.68 -6.70 -15.26
N ASP A 450 19.97 -7.12 -14.03
CA ASP A 450 20.27 -8.52 -13.75
C ASP A 450 19.05 -9.43 -13.95
N LEU A 451 17.86 -8.95 -13.59
CA LEU A 451 16.67 -9.74 -13.83
C LEU A 451 16.38 -9.87 -15.33
N TRP A 452 16.53 -8.76 -16.07
CA TRP A 452 16.23 -8.77 -17.50
C TRP A 452 17.14 -9.78 -18.20
N GLU A 453 18.41 -9.78 -17.79
CA GLU A 453 19.41 -10.67 -18.37
C GLU A 453 19.08 -12.14 -18.16
N HIS A 454 18.61 -12.49 -16.97
CA HIS A 454 18.21 -13.85 -16.69
C HIS A 454 16.91 -14.25 -17.37
N LEU A 455 15.98 -13.31 -17.50
CA LEU A 455 14.78 -13.51 -18.30
C LEU A 455 15.14 -13.70 -19.79
N GLN A 456 16.10 -12.92 -20.26
CA GLN A 456 16.57 -13.02 -21.64
C GLN A 456 17.20 -14.39 -21.90
N LYS A 457 17.94 -14.89 -20.90
CA LYS A 457 18.54 -16.23 -20.97
C LYS A 457 17.47 -17.31 -21.14
N ALA A 458 16.38 -17.20 -20.39
CA ALA A 458 15.27 -18.14 -20.55
C ALA A 458 14.59 -18.01 -21.94
N VAL A 459 14.37 -16.78 -22.40
CA VAL A 459 13.85 -16.54 -23.75
C VAL A 459 14.75 -17.20 -24.80
N ASP A 460 16.06 -16.99 -24.66
CA ASP A 460 17.03 -17.47 -25.64
C ASP A 460 17.15 -18.99 -25.65
N ALA A 461 16.81 -19.63 -24.53
CA ALA A 461 16.87 -21.09 -24.42
C ALA A 461 15.62 -21.83 -24.91
N GLN A 462 14.70 -21.12 -25.55
CA GLN A 462 13.51 -21.74 -26.13
C GLN A 462 13.12 -21.10 -27.48
N THR A 463 12.09 -21.65 -28.12
CA THR A 463 11.77 -21.29 -29.51
C THR A 463 10.33 -20.89 -29.71
N SER A 464 9.51 -21.14 -28.69
CA SER A 464 8.08 -20.93 -28.79
C SER A 464 7.71 -19.44 -28.69
N ILE A 465 8.16 -18.78 -27.62
CA ILE A 465 7.89 -17.36 -27.42
C ILE A 465 8.91 -16.52 -28.17
N ARG A 466 8.41 -15.69 -29.09
CA ARG A 466 9.24 -14.79 -29.88
C ARG A 466 8.86 -13.33 -29.58
N LEU A 467 9.87 -12.49 -29.39
CA LEU A 467 9.65 -11.09 -29.02
C LEU A 467 10.15 -10.16 -30.12
N PRO A 468 9.59 -8.93 -30.22
CA PRO A 468 10.04 -8.02 -31.27
C PRO A 468 11.41 -7.38 -31.00
N ASP A 469 11.92 -7.56 -29.78
CA ASP A 469 13.20 -7.03 -29.39
C ASP A 469 13.62 -7.76 -28.12
N THR A 470 14.76 -7.38 -27.57
CA THR A 470 15.24 -7.99 -26.33
C THR A 470 14.31 -7.60 -25.16
N VAL A 471 14.29 -8.42 -24.12
CA VAL A 471 13.56 -8.11 -22.90
C VAL A 471 13.91 -6.70 -22.40
N ARG A 472 15.20 -6.38 -22.38
CA ARG A 472 15.68 -5.08 -21.90
C ARG A 472 15.15 -3.92 -22.74
N ALA A 473 15.22 -4.04 -24.07
CA ALA A 473 14.73 -2.97 -24.95
C ALA A 473 13.22 -2.75 -24.79
N ILE A 474 12.46 -3.82 -24.60
CA ILE A 474 11.03 -3.67 -24.37
C ILE A 474 10.78 -2.99 -23.02
N MET A 475 11.40 -3.51 -21.98
CA MET A 475 11.16 -3.02 -20.62
C MET A 475 11.66 -1.59 -20.42
N ASP A 476 12.70 -1.20 -21.16
CA ASP A 476 13.19 0.19 -21.17
C ASP A 476 12.09 1.21 -21.50
N ARG A 477 11.18 0.84 -22.40
CA ARG A 477 10.04 1.71 -22.77
C ARG A 477 9.12 1.93 -21.59
N TRP A 478 9.03 0.93 -20.71
CA TRP A 478 8.10 0.95 -19.60
C TRP A 478 8.72 1.46 -18.28
N THR A 479 10.04 1.53 -18.24
CA THR A 479 10.73 1.88 -17.01
C THR A 479 11.54 3.18 -17.08
N LEU A 480 12.04 3.55 -18.27
CA LEU A 480 12.87 4.74 -18.44
C LEU A 480 12.07 6.03 -18.74
N GLN A 481 10.82 5.88 -19.15
CA GLN A 481 9.96 7.03 -19.37
C GLN A 481 8.70 6.89 -18.53
N MET A 482 8.13 8.03 -18.15
CA MET A 482 6.90 8.01 -17.36
C MET A 482 5.66 7.72 -18.22
N GLY A 483 4.56 7.41 -17.54
CA GLY A 483 3.25 7.34 -18.18
C GLY A 483 3.01 6.09 -19.02
N PHE A 484 1.97 6.14 -19.83
CA PHE A 484 1.55 5.01 -20.62
C PHE A 484 0.75 5.50 -21.83
N PRO A 485 0.66 4.66 -22.88
CA PRO A 485 -0.10 5.09 -24.06
C PRO A 485 -1.58 4.78 -23.96
N VAL A 486 -2.39 5.58 -24.66
CA VAL A 486 -3.72 5.13 -25.04
C VAL A 486 -3.56 4.48 -26.42
N ILE A 487 -4.12 3.29 -26.57
CA ILE A 487 -4.11 2.60 -27.86
C ILE A 487 -5.47 2.82 -28.51
N THR A 488 -5.48 3.49 -29.67
CA THR A 488 -6.73 3.79 -30.39
C THR A 488 -6.84 2.96 -31.66
N VAL A 489 -7.96 2.24 -31.79
CA VAL A 489 -8.22 1.40 -32.96
C VAL A 489 -9.36 1.94 -33.83
N ASP A 490 -9.10 2.06 -35.13
CA ASP A 490 -10.15 2.30 -36.13
C ASP A 490 -10.49 0.95 -36.78
N THR A 491 -11.60 0.37 -36.37
CA THR A 491 -11.97 -0.99 -36.81
C THR A 491 -12.47 -1.06 -38.26
N LYS A 492 -12.61 0.10 -38.91
CA LYS A 492 -12.96 0.15 -40.33
C LYS A 492 -11.77 -0.29 -41.17
N THR A 493 -10.59 0.13 -40.77
CA THR A 493 -9.35 -0.10 -41.52
C THR A 493 -8.41 -1.07 -40.82
N GLY A 494 -8.56 -1.20 -39.50
CA GLY A 494 -7.60 -1.94 -38.70
C GLY A 494 -6.37 -1.13 -38.36
N ASN A 495 -6.43 0.19 -38.61
CA ASN A 495 -5.39 1.11 -38.18
C ASN A 495 -5.36 1.18 -36.66
N ILE A 496 -4.15 1.29 -36.12
CA ILE A 496 -3.96 1.27 -34.69
C ILE A 496 -2.88 2.31 -34.35
N SER A 497 -3.17 3.15 -33.36
CA SER A 497 -2.19 4.15 -32.97
C SER A 497 -1.93 4.17 -31.47
N GLN A 498 -0.79 4.77 -31.11
CA GLN A 498 -0.44 4.98 -29.72
C GLN A 498 -0.03 6.44 -29.51
N LYS A 499 -0.42 6.98 -28.35
CA LYS A 499 0.08 8.28 -27.90
C LYS A 499 0.06 8.36 -26.37
N HIS A 500 1.01 9.11 -25.82
CA HIS A 500 1.11 9.33 -24.38
C HIS A 500 -0.24 9.78 -23.83
N PHE A 501 -0.81 8.99 -22.93
CA PHE A 501 -2.14 9.33 -22.39
C PHE A 501 -2.08 10.29 -21.19
N LEU A 502 -2.75 11.44 -21.34
CA LEU A 502 -2.93 12.38 -20.25
C LEU A 502 -4.41 12.67 -20.01
N LEU A 503 -4.82 12.63 -18.75
CA LEU A 503 -6.21 12.96 -18.41
C LEU A 503 -6.58 14.39 -18.79
N ASP A 504 -5.63 15.31 -18.63
CA ASP A 504 -5.81 16.70 -19.03
C ASP A 504 -5.26 16.93 -20.44
N SER A 505 -6.19 17.05 -21.40
CA SER A 505 -5.85 17.25 -22.81
C SER A 505 -5.10 18.57 -23.07
N GLU A 506 -5.20 19.50 -22.12
CA GLU A 506 -4.52 20.79 -22.22
C GLU A 506 -3.13 20.81 -21.58
N SER A 507 -2.80 19.76 -20.83
CA SER A 507 -1.52 19.68 -20.11
C SER A 507 -0.29 19.72 -21.01
N ASN A 508 0.72 20.46 -20.56
CA ASN A 508 2.02 20.46 -21.23
C ASN A 508 2.99 19.55 -20.48
N VAL A 509 3.47 18.53 -21.19
CA VAL A 509 4.50 17.64 -20.67
C VAL A 509 5.85 18.28 -20.90
N THR A 510 6.62 18.45 -19.83
CA THR A 510 7.96 19.02 -19.95
C THR A 510 9.08 18.02 -19.69
N ARG A 511 8.78 16.89 -19.06
CA ARG A 511 9.79 15.85 -18.88
C ARG A 511 10.07 15.19 -20.24
N SER A 512 11.31 15.28 -20.69
CA SER A 512 11.65 14.68 -21.99
C SER A 512 11.82 13.16 -21.85
N SER A 513 11.56 12.45 -22.94
CA SER A 513 11.79 11.01 -23.00
C SER A 513 12.73 10.69 -24.14
N ALA A 514 13.68 9.79 -23.85
CA ALA A 514 14.62 9.32 -24.86
C ALA A 514 13.91 8.59 -26.01
N PHE A 515 12.64 8.25 -25.81
CA PHE A 515 11.86 7.48 -26.78
C PHE A 515 10.71 8.26 -27.39
N ASP A 516 10.66 9.56 -27.13
CA ASP A 516 9.59 10.43 -27.64
C ASP A 516 8.20 9.91 -27.25
N TYR A 517 8.11 9.34 -26.04
CA TYR A 517 6.86 8.75 -25.54
C TYR A 517 6.20 7.81 -26.53
N LEU A 518 7.00 6.88 -27.02
CA LEU A 518 6.54 5.75 -27.79
C LEU A 518 6.94 4.47 -27.06
N TRP A 519 6.02 3.51 -27.06
CA TRP A 519 6.23 2.24 -26.39
C TRP A 519 6.24 1.06 -27.36
N ILE A 520 6.74 -0.08 -26.88
CA ILE A 520 6.63 -1.35 -27.56
C ILE A 520 5.59 -2.12 -26.75
N VAL A 521 4.43 -2.34 -27.37
CA VAL A 521 3.23 -2.71 -26.62
C VAL A 521 2.72 -4.09 -26.98
N PRO A 522 2.60 -4.99 -25.98
CA PRO A 522 2.00 -6.30 -26.23
C PRO A 522 0.48 -6.16 -26.25
N ILE A 523 -0.15 -6.66 -27.32
CA ILE A 523 -1.58 -6.45 -27.51
C ILE A 523 -2.29 -7.76 -27.77
N SER A 524 -2.99 -8.26 -26.75
CA SER A 524 -3.90 -9.39 -26.91
C SER A 524 -5.24 -8.83 -27.38
N SER A 525 -6.01 -9.66 -28.07
CA SER A 525 -7.32 -9.21 -28.54
C SER A 525 -8.29 -10.37 -28.63
N ILE A 526 -9.56 -10.03 -28.50
CA ILE A 526 -10.65 -10.98 -28.62
C ILE A 526 -11.59 -10.44 -29.70
N LYS A 527 -12.03 -11.31 -30.61
CA LYS A 527 -12.98 -10.91 -31.66
C LYS A 527 -14.20 -11.81 -31.62
N ASN A 528 -15.36 -11.20 -31.43
CA ASN A 528 -16.63 -11.91 -31.27
C ASN A 528 -16.60 -12.98 -30.17
N GLY A 529 -15.75 -12.75 -29.17
CA GLY A 529 -15.64 -13.64 -28.03
C GLY A 529 -14.62 -14.75 -28.21
N VAL A 530 -13.86 -14.68 -29.29
CA VAL A 530 -12.85 -15.68 -29.60
C VAL A 530 -11.47 -15.02 -29.60
N MET A 531 -10.53 -15.61 -28.87
CA MET A 531 -9.15 -15.11 -28.78
C MET A 531 -8.49 -15.04 -30.14
N GLN A 532 -7.78 -13.95 -30.39
CA GLN A 532 -7.02 -13.80 -31.63
C GLN A 532 -5.54 -14.05 -31.38
N ASP A 533 -4.77 -14.13 -32.47
CA ASP A 533 -3.31 -14.18 -32.40
C ASP A 533 -2.80 -12.96 -31.66
N HIS A 534 -1.77 -13.15 -30.85
CA HIS A 534 -1.14 -12.03 -30.15
C HIS A 534 -0.46 -11.09 -31.14
N TYR A 535 -0.37 -9.81 -30.77
CA TYR A 535 0.23 -8.78 -31.61
C TYR A 535 1.12 -7.85 -30.80
N TRP A 536 2.23 -7.42 -31.42
CA TRP A 536 3.09 -6.38 -30.83
C TRP A 536 3.05 -5.07 -31.64
N LEU A 537 2.65 -3.98 -31.00
CA LEU A 537 2.84 -2.66 -31.58
C LEU A 537 4.28 -2.24 -31.35
N ARG A 538 5.00 -2.00 -32.45
CA ARG A 538 6.40 -1.57 -32.36
C ARG A 538 6.47 -0.08 -32.03
N ASP A 539 7.69 0.45 -31.93
CA ASP A 539 7.87 1.86 -31.56
C ASP A 539 7.53 2.81 -32.73
N VAL A 540 6.26 2.77 -33.12
CA VAL A 540 5.71 3.63 -34.17
C VAL A 540 4.40 4.25 -33.67
N SER A 541 4.09 5.46 -34.13
CA SER A 541 2.85 6.15 -33.80
C SER A 541 1.61 5.48 -34.39
N GLN A 542 1.78 4.88 -35.58
CA GLN A 542 0.66 4.35 -36.35
C GLN A 542 1.07 3.04 -37.02
N ALA A 543 0.14 2.09 -37.04
CA ALA A 543 0.34 0.81 -37.73
C ALA A 543 -0.99 0.27 -38.23
N GLN A 544 -0.96 -0.85 -38.93
CA GLN A 544 -2.20 -1.46 -39.42
C GLN A 544 -2.11 -2.96 -39.29
N ASN A 545 -3.21 -3.58 -38.88
CA ASN A 545 -3.32 -5.03 -38.91
C ASN A 545 -4.78 -5.47 -38.99
N ASP A 546 -5.02 -6.53 -39.76
CA ASP A 546 -6.37 -7.06 -39.97
C ASP A 546 -6.99 -7.66 -38.71
N LEU A 547 -6.16 -8.02 -37.73
CA LEU A 547 -6.66 -8.42 -36.41
C LEU A 547 -7.62 -7.38 -35.83
N PHE A 548 -7.39 -6.12 -36.16
CA PHE A 548 -8.15 -4.99 -35.61
C PHE A 548 -9.15 -4.41 -36.61
N LYS A 549 -9.26 -5.05 -37.76
CA LYS A 549 -10.22 -4.67 -38.79
C LYS A 549 -11.47 -5.53 -38.61
N THR A 550 -12.64 -4.91 -38.63
CA THR A 550 -13.89 -5.61 -38.34
C THR A 550 -14.94 -5.51 -39.46
N ALA A 551 -15.93 -6.39 -39.41
CA ALA A 551 -17.12 -6.29 -40.26
C ALA A 551 -18.21 -5.53 -39.48
N SER A 552 -19.30 -5.19 -40.17
CA SER A 552 -20.39 -4.41 -39.59
C SER A 552 -21.07 -5.11 -38.41
N ASP A 553 -21.16 -6.43 -38.48
CA ASP A 553 -21.81 -7.24 -37.45
C ASP A 553 -20.85 -7.79 -36.40
N ASP A 554 -19.56 -7.48 -36.56
CA ASP A 554 -18.53 -8.01 -35.65
C ASP A 554 -18.00 -6.96 -34.67
N TRP A 555 -17.32 -7.42 -33.62
CA TRP A 555 -16.62 -6.51 -32.71
C TRP A 555 -15.25 -7.07 -32.34
N VAL A 556 -14.34 -6.15 -32.00
CA VAL A 556 -13.02 -6.51 -31.50
C VAL A 556 -12.76 -5.75 -30.20
N LEU A 557 -11.99 -6.36 -29.31
CA LEU A 557 -11.71 -5.80 -27.99
C LEU A 557 -10.26 -6.13 -27.64
N LEU A 558 -9.48 -5.11 -27.29
CA LEU A 558 -8.05 -5.27 -27.02
C LEU A 558 -7.71 -5.36 -25.54
N ASN A 559 -6.55 -5.95 -25.25
CA ASN A 559 -5.98 -6.03 -23.90
C ASN A 559 -6.81 -6.90 -22.97
N VAL A 560 -6.82 -8.19 -23.29
CA VAL A 560 -7.62 -9.16 -22.55
C VAL A 560 -7.15 -9.20 -21.09
N ASN A 561 -8.11 -9.02 -20.19
CA ASN A 561 -7.85 -9.04 -18.76
C ASN A 561 -6.94 -7.90 -18.29
N VAL A 562 -6.80 -6.87 -19.12
CA VAL A 562 -5.92 -5.72 -18.85
C VAL A 562 -4.55 -6.16 -18.31
N THR A 563 -3.93 -7.12 -19.02
CA THR A 563 -2.58 -7.57 -18.67
C THR A 563 -1.56 -6.52 -19.09
N GLY A 564 -1.89 -5.74 -20.11
CA GLY A 564 -1.02 -4.69 -20.64
C GLY A 564 -1.27 -3.37 -19.93
N TYR A 565 -0.20 -2.63 -19.68
CA TYR A 565 -0.28 -1.35 -18.98
C TYR A 565 -0.62 -0.21 -19.96
N PHE A 566 -1.86 -0.23 -20.45
CA PHE A 566 -2.36 0.81 -21.34
C PHE A 566 -3.88 0.82 -21.35
N GLN A 567 -4.45 1.89 -21.89
CA GLN A 567 -5.90 1.99 -22.05
C GLN A 567 -6.24 1.97 -23.53
N VAL A 568 -7.49 1.62 -23.85
CA VAL A 568 -7.89 1.41 -25.25
C VAL A 568 -9.09 2.26 -25.65
N ASN A 569 -8.97 2.91 -26.80
CA ASN A 569 -10.09 3.60 -27.44
C ASN A 569 -10.42 2.99 -28.80
N TYR A 570 -11.72 3.00 -29.14
CA TYR A 570 -12.20 2.50 -30.43
C TYR A 570 -12.96 3.59 -31.17
N ASP A 571 -13.23 3.36 -32.44
CA ASP A 571 -14.23 4.12 -33.18
C ASP A 571 -15.60 3.87 -32.55
N GLU A 572 -16.52 4.81 -32.70
CA GLU A 572 -17.84 4.73 -32.06
C GLU A 572 -18.65 3.50 -32.44
N ASP A 573 -18.50 3.03 -33.67
CA ASP A 573 -19.23 1.85 -34.17
C ASP A 573 -18.87 0.60 -33.39
N ASN A 574 -17.57 0.40 -33.15
CA ASN A 574 -17.10 -0.72 -32.39
C ASN A 574 -17.54 -0.64 -30.94
N TRP A 575 -17.44 0.56 -30.36
CA TRP A 575 -17.99 0.82 -29.04
C TRP A 575 -19.45 0.38 -28.98
N ARG A 576 -20.24 0.80 -29.97
CA ARG A 576 -21.66 0.46 -30.03
C ARG A 576 -21.88 -1.05 -30.12
N MET A 577 -21.06 -1.73 -30.92
CA MET A 577 -21.13 -3.19 -31.02
C MET A 577 -20.79 -3.87 -29.70
N ILE A 578 -19.73 -3.41 -29.04
CA ILE A 578 -19.38 -3.89 -27.70
C ILE A 578 -20.57 -3.72 -26.75
N GLN A 579 -21.15 -2.52 -26.76
CA GLN A 579 -22.34 -2.22 -25.95
C GLN A 579 -23.48 -3.19 -26.25
N HIS A 580 -23.71 -3.46 -27.53
CA HIS A 580 -24.74 -4.41 -27.96
C HIS A 580 -24.47 -5.80 -27.39
N GLN A 581 -23.24 -6.27 -27.52
CA GLN A 581 -22.83 -7.57 -26.96
C GLN A 581 -23.09 -7.64 -25.47
N LEU A 582 -22.72 -6.57 -24.74
CA LEU A 582 -22.90 -6.52 -23.29
C LEU A 582 -24.38 -6.50 -22.90
N GLN A 583 -25.18 -5.82 -23.72
CA GLN A 583 -26.65 -5.77 -23.53
C GLN A 583 -27.31 -7.14 -23.74
N THR A 584 -26.83 -7.91 -24.71
CA THR A 584 -27.52 -9.13 -25.15
C THR A 584 -26.97 -10.42 -24.53
N ASN A 585 -25.65 -10.60 -24.57
CA ASN A 585 -24.99 -11.71 -23.87
C ASN A 585 -23.62 -11.29 -23.35
N LEU A 586 -23.58 -10.85 -22.09
CA LEU A 586 -22.35 -10.32 -21.47
C LEU A 586 -21.29 -11.40 -21.25
N SER A 587 -21.73 -12.64 -21.04
CA SER A 587 -20.84 -13.77 -20.76
C SER A 587 -19.73 -13.97 -21.80
N VAL A 588 -19.91 -13.39 -22.97
CA VAL A 588 -18.97 -13.52 -24.08
C VAL A 588 -17.71 -12.67 -23.88
N ILE A 589 -17.82 -11.61 -23.06
CA ILE A 589 -16.68 -10.75 -22.75
C ILE A 589 -16.20 -11.04 -21.32
N PRO A 590 -14.88 -11.34 -21.17
CA PRO A 590 -14.33 -11.68 -19.85
C PRO A 590 -14.71 -10.61 -18.83
N VAL A 591 -14.99 -11.02 -17.60
CA VAL A 591 -15.45 -10.07 -16.59
C VAL A 591 -14.51 -8.86 -16.40
N ILE A 592 -13.21 -9.07 -16.48
CA ILE A 592 -12.27 -7.98 -16.29
C ILE A 592 -12.40 -6.94 -17.43
N ASN A 593 -12.65 -7.42 -18.64
CA ASN A 593 -12.85 -6.51 -19.76
C ASN A 593 -14.20 -5.78 -19.75
N ARG A 594 -15.20 -6.41 -19.14
CA ARG A 594 -16.47 -5.72 -18.86
C ARG A 594 -16.24 -4.52 -17.93
N ALA A 595 -15.25 -4.63 -17.04
CA ALA A 595 -14.83 -3.53 -16.18
C ALA A 595 -13.98 -2.51 -16.95
N GLN A 596 -13.04 -3.03 -17.74
CA GLN A 596 -12.15 -2.20 -18.56
C GLN A 596 -12.89 -1.18 -19.43
N VAL A 597 -13.93 -1.64 -20.13
CA VAL A 597 -14.76 -0.80 -20.99
C VAL A 597 -15.25 0.44 -20.25
N ILE A 598 -15.68 0.25 -19.00
CA ILE A 598 -16.12 1.34 -18.13
C ILE A 598 -14.94 2.20 -17.63
N TYR A 599 -13.92 1.57 -17.06
CA TYR A 599 -12.76 2.30 -16.56
C TYR A 599 -12.15 3.19 -17.64
N ASP A 600 -11.83 2.59 -18.78
CA ASP A 600 -11.18 3.28 -19.89
C ASP A 600 -12.01 4.41 -20.47
N SER A 601 -13.29 4.14 -20.75
CA SER A 601 -14.13 5.15 -21.41
C SER A 601 -14.30 6.42 -20.58
N PHE A 602 -14.51 6.28 -19.26
CA PHE A 602 -14.58 7.45 -18.38
C PHE A 602 -13.28 8.24 -18.36
N ASN A 603 -12.14 7.56 -18.36
CA ASN A 603 -10.85 8.25 -18.46
C ASN A 603 -10.71 8.98 -19.80
N LEU A 604 -11.12 8.30 -20.86
CA LEU A 604 -11.13 8.86 -22.22
C LEU A 604 -12.03 10.11 -22.33
N ALA A 605 -13.19 10.06 -21.67
CA ALA A 605 -14.08 11.23 -21.58
C ALA A 605 -13.39 12.41 -20.90
N THR A 606 -12.79 12.14 -19.73
CA THR A 606 -12.01 13.15 -19.02
C THR A 606 -10.98 13.79 -19.95
N ALA A 607 -10.35 12.97 -20.79
CA ALA A 607 -9.32 13.43 -21.73
C ALA A 607 -9.90 14.03 -23.02
N HIS A 608 -11.23 13.99 -23.15
CA HIS A 608 -11.95 14.50 -24.34
C HIS A 608 -11.69 13.67 -25.59
N MET A 609 -11.50 12.37 -25.40
CA MET A 609 -11.24 11.45 -26.51
C MET A 609 -12.51 10.71 -26.90
N VAL A 610 -13.48 10.70 -25.98
CA VAL A 610 -14.84 10.26 -26.26
C VAL A 610 -15.78 11.22 -25.53
N PRO A 611 -17.04 11.36 -26.02
CA PRO A 611 -17.98 12.16 -25.23
C PRO A 611 -18.36 11.45 -23.94
N VAL A 612 -18.71 12.24 -22.93
CA VAL A 612 -19.08 11.70 -21.61
C VAL A 612 -20.29 10.76 -21.71
N THR A 613 -21.14 11.00 -22.71
CA THR A 613 -22.30 10.15 -22.95
C THR A 613 -21.93 8.75 -23.43
N LEU A 614 -20.80 8.61 -24.11
CA LEU A 614 -20.31 7.29 -24.53
C LEU A 614 -19.90 6.46 -23.30
N ALA A 615 -19.21 7.10 -22.36
CA ALA A 615 -18.85 6.47 -21.08
C ALA A 615 -20.09 6.03 -20.30
N LEU A 616 -21.08 6.92 -20.21
CA LEU A 616 -22.35 6.60 -19.54
C LEU A 616 -23.09 5.46 -20.23
N ASP A 617 -23.11 5.48 -21.57
CA ASP A 617 -23.67 4.38 -22.37
C ASP A 617 -23.05 3.03 -22.00
N ASN A 618 -21.78 3.03 -21.58
CA ASN A 618 -21.09 1.81 -21.15
C ASN A 618 -21.53 1.26 -19.78
N THR A 619 -22.35 2.02 -19.07
CA THR A 619 -22.93 1.53 -17.81
C THR A 619 -24.30 0.88 -18.03
N LEU A 620 -24.87 1.07 -19.22
CA LEU A 620 -26.23 0.64 -19.51
C LEU A 620 -26.45 -0.86 -19.30
N PHE A 621 -25.44 -1.67 -19.62
CA PHE A 621 -25.53 -3.13 -19.47
C PHE A 621 -25.61 -3.63 -18.04
N LEU A 622 -25.29 -2.78 -17.07
CA LEU A 622 -25.14 -3.18 -15.66
C LEU A 622 -26.40 -3.76 -15.00
N ASN A 623 -27.57 -3.44 -15.54
CA ASN A 623 -28.82 -3.98 -15.00
C ASN A 623 -28.87 -5.50 -15.06
N GLY A 624 -28.11 -6.08 -16.00
CA GLY A 624 -27.97 -7.53 -16.10
C GLY A 624 -26.65 -8.09 -15.57
N GLU A 625 -25.81 -7.21 -15.01
CA GLU A 625 -24.50 -7.62 -14.48
C GLU A 625 -24.56 -8.08 -13.03
N LYS A 626 -24.12 -9.31 -12.79
CA LYS A 626 -24.11 -9.87 -11.44
C LYS A 626 -22.74 -9.75 -10.75
N GLU A 627 -21.67 -9.66 -11.54
CA GLU A 627 -20.32 -9.76 -11.00
C GLU A 627 -19.75 -8.46 -10.43
N TYR A 628 -18.78 -8.60 -9.53
CA TYR A 628 -18.24 -7.47 -8.75
C TYR A 628 -17.62 -6.38 -9.62
N MET A 629 -16.66 -6.76 -10.47
CA MET A 629 -15.75 -5.75 -11.03
C MET A 629 -16.35 -4.69 -11.95
N PRO A 630 -17.25 -5.10 -12.89
CA PRO A 630 -17.84 -4.09 -13.75
C PRO A 630 -18.66 -3.08 -12.95
N TRP A 631 -19.36 -3.55 -11.91
CA TRP A 631 -20.08 -2.65 -11.02
C TRP A 631 -19.13 -1.72 -10.27
N GLN A 632 -18.02 -2.27 -9.77
CA GLN A 632 -17.01 -1.47 -9.06
C GLN A 632 -16.44 -0.35 -9.94
N ALA A 633 -16.18 -0.69 -11.20
CA ALA A 633 -15.68 0.27 -12.19
C ALA A 633 -16.65 1.45 -12.35
N ALA A 634 -17.94 1.14 -12.42
CA ALA A 634 -18.99 2.16 -12.56
C ALA A 634 -19.04 3.03 -11.32
N LEU A 635 -19.03 2.40 -10.15
CA LEU A 635 -19.10 3.13 -8.90
C LEU A 635 -17.87 4.01 -8.64
N SER A 636 -16.68 3.52 -8.99
CA SER A 636 -15.46 4.32 -8.88
C SER A 636 -15.48 5.48 -9.87
N SER A 637 -15.96 5.21 -11.08
CA SER A 637 -15.99 6.24 -12.12
C SER A 637 -17.08 7.28 -11.86
N LEU A 638 -18.16 6.88 -11.19
CA LEU A 638 -19.27 7.80 -10.92
C LEU A 638 -19.19 8.56 -9.59
N SER A 639 -18.28 8.17 -8.70
CA SER A 639 -18.16 8.87 -7.41
C SER A 639 -17.93 10.38 -7.57
N TYR A 640 -17.14 10.76 -8.58
CA TYR A 640 -16.91 12.17 -8.88
C TYR A 640 -18.18 12.88 -9.37
N PHE A 641 -19.01 12.17 -10.12
CA PHE A 641 -20.29 12.70 -10.62
C PHE A 641 -21.22 12.98 -9.45
N SER A 642 -21.27 12.05 -8.51
CA SER A 642 -22.04 12.22 -7.28
C SER A 642 -21.49 13.41 -6.49
N LEU A 643 -20.16 13.47 -6.37
CA LEU A 643 -19.47 14.55 -5.68
C LEU A 643 -19.76 15.93 -6.28
N MET A 644 -19.83 15.99 -7.62
CA MET A 644 -20.12 17.25 -8.31
C MET A 644 -21.60 17.61 -8.34
N PHE A 645 -22.47 16.60 -8.44
CA PHE A 645 -23.89 16.84 -8.74
C PHE A 645 -24.90 16.54 -7.63
N ASP A 646 -24.47 15.99 -6.49
CA ASP A 646 -25.41 15.58 -5.44
C ASP A 646 -26.16 16.71 -4.72
N ARG A 647 -25.83 17.96 -5.03
CA ARG A 647 -26.57 19.12 -4.53
C ARG A 647 -27.32 19.85 -5.66
N SER A 648 -27.36 19.23 -6.83
CA SER A 648 -27.91 19.87 -8.02
C SER A 648 -29.09 19.11 -8.59
N GLU A 649 -29.78 19.77 -9.53
CA GLU A 649 -30.88 19.18 -10.30
C GLU A 649 -30.51 17.88 -11.03
N VAL A 650 -29.22 17.64 -11.23
CA VAL A 650 -28.75 16.41 -11.86
C VAL A 650 -28.98 15.19 -10.95
N TYR A 651 -29.00 15.42 -9.64
CA TYR A 651 -28.99 14.30 -8.68
C TYR A 651 -30.20 13.38 -8.75
N GLY A 652 -31.39 13.96 -8.85
CA GLY A 652 -32.63 13.18 -8.96
C GLY A 652 -32.63 12.11 -10.04
N PRO A 653 -32.41 12.52 -11.32
CA PRO A 653 -32.31 11.54 -12.41
C PRO A 653 -31.16 10.55 -12.23
N MET A 654 -30.01 11.03 -11.73
CA MET A 654 -28.86 10.15 -11.45
C MET A 654 -29.22 9.02 -10.49
N LYS A 655 -29.81 9.36 -9.34
CA LYS A 655 -30.26 8.36 -8.37
C LYS A 655 -31.27 7.40 -8.99
N LYS A 656 -32.22 7.96 -9.73
CA LYS A 656 -33.27 7.18 -10.38
C LYS A 656 -32.67 6.18 -11.36
N TYR A 657 -31.70 6.64 -12.16
CA TYR A 657 -30.99 5.76 -13.08
C TYR A 657 -30.25 4.64 -12.35
N LEU A 658 -29.59 4.97 -11.24
CA LEU A 658 -28.84 3.97 -10.47
C LEU A 658 -29.77 3.00 -9.75
N ARG A 659 -30.91 3.50 -9.27
CA ARG A 659 -31.98 2.65 -8.72
C ARG A 659 -32.47 1.65 -9.76
N LYS A 660 -32.65 2.13 -10.99
CA LYS A 660 -33.07 1.28 -12.10
C LYS A 660 -32.01 0.20 -12.38
N GLN A 661 -30.75 0.61 -12.41
CA GLN A 661 -29.66 -0.30 -12.75
C GLN A 661 -29.38 -1.36 -11.68
N VAL A 662 -29.52 -0.98 -10.41
CA VAL A 662 -29.16 -1.88 -9.30
C VAL A 662 -30.31 -2.73 -8.76
N GLU A 663 -31.56 -2.32 -9.00
CA GLU A 663 -32.71 -3.06 -8.48
C GLU A 663 -32.68 -4.57 -8.79
N PRO A 664 -32.38 -4.95 -10.06
CA PRO A 664 -32.37 -6.38 -10.37
C PRO A 664 -31.23 -7.13 -9.66
N LEU A 665 -30.09 -6.48 -9.48
CA LEU A 665 -28.99 -7.09 -8.71
C LEU A 665 -29.41 -7.29 -7.25
N PHE A 666 -30.03 -6.25 -6.66
CA PHE A 666 -30.60 -6.35 -5.32
C PHE A 666 -31.58 -7.51 -5.23
N GLN A 667 -32.49 -7.59 -6.22
CA GLN A 667 -33.48 -8.68 -6.27
C GLN A 667 -32.80 -10.04 -6.35
N HIS A 668 -31.78 -10.14 -7.21
CA HIS A 668 -30.99 -11.37 -7.35
C HIS A 668 -30.43 -11.86 -6.01
N PHE A 669 -29.77 -10.97 -5.28
CA PHE A 669 -29.16 -11.34 -4.01
C PHE A 669 -30.20 -11.64 -2.93
N GLU A 670 -31.34 -10.94 -2.98
CA GLU A 670 -32.47 -11.24 -2.09
C GLU A 670 -32.83 -12.72 -2.14
N THR A 671 -32.94 -13.25 -3.36
CA THR A 671 -33.26 -14.65 -3.61
C THR A 671 -32.08 -15.56 -3.24
N LEU A 672 -30.92 -15.32 -3.86
CA LEU A 672 -29.71 -16.13 -3.66
C LEU A 672 -29.33 -16.28 -2.18
N THR A 673 -29.41 -15.20 -1.43
CA THR A 673 -29.03 -15.19 -0.01
C THR A 673 -30.13 -15.71 0.91
N LYS A 674 -31.24 -16.14 0.33
CA LYS A 674 -32.39 -16.69 1.06
C LYS A 674 -32.93 -15.68 2.07
N ASN A 675 -33.42 -14.55 1.55
CA ASN A 675 -33.87 -13.42 2.37
C ASN A 675 -32.75 -12.90 3.28
N TRP A 676 -31.55 -12.80 2.69
CA TRP A 676 -30.37 -12.21 3.34
C TRP A 676 -29.85 -12.99 4.56
N THR A 677 -30.16 -14.29 4.63
CA THR A 677 -29.75 -15.11 5.78
C THR A 677 -28.39 -15.76 5.61
N GLU A 678 -28.01 -16.07 4.37
CA GLU A 678 -26.69 -16.65 4.11
C GLU A 678 -25.93 -15.96 2.97
N ARG A 679 -24.68 -15.60 3.25
CA ARG A 679 -23.82 -14.88 2.30
C ARG A 679 -23.50 -15.71 1.06
N PRO A 680 -23.25 -15.04 -0.08
CA PRO A 680 -22.73 -15.76 -1.25
C PRO A 680 -21.43 -16.48 -0.92
N GLU A 681 -21.07 -17.47 -1.73
CA GLU A 681 -19.99 -18.38 -1.35
C GLU A 681 -18.60 -17.76 -1.47
N ASN A 682 -18.22 -17.35 -2.69
CA ASN A 682 -16.88 -16.83 -2.94
C ASN A 682 -16.72 -15.32 -2.73
N LEU A 683 -15.48 -14.87 -2.66
CA LEU A 683 -15.14 -13.48 -2.36
C LEU A 683 -15.79 -12.48 -3.32
N MET A 684 -15.65 -12.71 -4.62
CA MET A 684 -16.15 -11.78 -5.64
C MET A 684 -17.66 -11.56 -5.55
N ASP A 685 -18.40 -12.65 -5.33
CA ASP A 685 -19.84 -12.55 -5.20
C ASP A 685 -20.24 -11.84 -3.90
N GLN A 686 -19.48 -12.06 -2.83
CA GLN A 686 -19.69 -11.34 -1.57
C GLN A 686 -19.45 -9.84 -1.76
N TYR A 687 -18.39 -9.51 -2.49
CA TYR A 687 -18.07 -8.12 -2.84
C TYR A 687 -19.20 -7.48 -3.65
N SER A 688 -19.73 -8.22 -4.61
CA SER A 688 -20.84 -7.74 -5.43
C SER A 688 -22.07 -7.45 -4.59
N GLU A 689 -22.39 -8.34 -3.65
CA GLU A 689 -23.51 -8.12 -2.71
C GLU A 689 -23.30 -6.88 -1.87
N ILE A 690 -22.08 -6.69 -1.36
CA ILE A 690 -21.75 -5.51 -0.56
C ILE A 690 -22.00 -4.22 -1.34
N ASN A 691 -21.52 -4.18 -2.59
CA ASN A 691 -21.71 -3.01 -3.45
C ASN A 691 -23.16 -2.79 -3.85
N ALA A 692 -23.88 -3.90 -4.11
CA ALA A 692 -25.28 -3.85 -4.53
C ALA A 692 -26.15 -3.24 -3.44
N ILE A 693 -25.97 -3.72 -2.22
CA ILE A 693 -26.68 -3.19 -1.07
C ILE A 693 -26.28 -1.74 -0.80
N SER A 694 -24.98 -1.44 -0.91
CA SER A 694 -24.54 -0.07 -0.72
C SER A 694 -25.15 0.87 -1.77
N THR A 695 -25.08 0.46 -3.04
CA THR A 695 -25.64 1.23 -4.14
C THR A 695 -27.16 1.41 -3.99
N ALA A 696 -27.86 0.30 -3.73
CA ALA A 696 -29.31 0.33 -3.58
C ALA A 696 -29.73 1.32 -2.49
N CYS A 697 -29.20 1.13 -1.28
CA CYS A 697 -29.56 1.95 -0.13
C CYS A 697 -29.20 3.44 -0.29
N SER A 698 -28.01 3.72 -0.79
CA SER A 698 -27.56 5.10 -0.93
C SER A 698 -28.31 5.86 -2.04
N ASN A 699 -28.94 5.12 -2.95
CA ASN A 699 -29.73 5.72 -4.02
C ASN A 699 -31.23 5.68 -3.76
N GLY A 700 -31.61 5.28 -2.56
CA GLY A 700 -33.00 5.35 -2.11
C GLY A 700 -33.94 4.26 -2.59
N LEU A 701 -33.40 3.06 -2.85
CA LEU A 701 -34.25 1.92 -3.18
C LEU A 701 -35.04 1.49 -1.93
N PRO A 702 -36.38 1.59 -1.99
CA PRO A 702 -37.23 1.32 -0.83
C PRO A 702 -37.00 -0.06 -0.19
N GLN A 703 -36.77 -1.09 -1.02
CA GLN A 703 -36.51 -2.44 -0.49
C GLN A 703 -35.23 -2.52 0.33
N CYS A 704 -34.23 -1.70 -0.03
CA CYS A 704 -32.99 -1.66 0.74
C CYS A 704 -33.19 -0.87 2.03
N GLU A 705 -33.87 0.27 1.94
CA GLU A 705 -34.21 1.08 3.11
C GLU A 705 -34.98 0.25 4.15
N ASN A 706 -35.89 -0.58 3.66
CA ASN A 706 -36.68 -1.48 4.50
C ASN A 706 -35.80 -2.50 5.23
N LEU A 707 -34.88 -3.11 4.49
CA LEU A 707 -33.93 -4.08 5.05
C LEU A 707 -33.08 -3.47 6.16
N ALA A 708 -32.53 -2.27 5.91
CA ALA A 708 -31.67 -1.57 6.86
C ALA A 708 -32.42 -1.19 8.14
N LYS A 709 -33.64 -0.68 7.98
CA LYS A 709 -34.48 -0.34 9.13
C LYS A 709 -34.81 -1.59 9.95
N THR A 710 -35.18 -2.68 9.27
CA THR A 710 -35.57 -3.92 9.94
C THR A 710 -34.42 -4.50 10.77
N LEU A 711 -33.23 -4.57 10.16
CA LEU A 711 -32.06 -5.12 10.83
C LEU A 711 -31.62 -4.29 12.03
N PHE A 712 -31.55 -2.97 11.86
CA PHE A 712 -31.12 -2.07 12.93
C PHE A 712 -32.11 -2.06 14.10
N ASP A 713 -33.41 -2.01 13.79
CA ASP A 713 -34.47 -2.14 14.81
C ASP A 713 -34.31 -3.42 15.60
N GLN A 714 -34.13 -4.53 14.88
CA GLN A 714 -33.87 -5.83 15.49
C GLN A 714 -32.64 -5.81 16.40
N TRP A 715 -31.59 -5.10 15.97
CA TRP A 715 -30.37 -4.99 16.78
C TRP A 715 -30.62 -4.16 18.04
N MET A 716 -31.34 -3.05 17.89
CA MET A 716 -31.66 -2.18 19.02
C MET A 716 -32.52 -2.87 20.08
N SER A 717 -33.32 -3.85 19.65
CA SER A 717 -34.15 -4.62 20.57
C SER A 717 -33.38 -5.74 21.29
N ASP A 718 -32.18 -6.04 20.80
CA ASP A 718 -31.32 -7.07 21.39
C ASP A 718 -29.84 -6.74 21.12
N PRO A 719 -29.29 -5.74 21.85
CA PRO A 719 -27.95 -5.17 21.59
C PRO A 719 -26.81 -6.18 21.64
N GLU A 720 -26.87 -7.13 22.57
CA GLU A 720 -25.82 -8.12 22.76
C GLU A 720 -25.71 -9.11 21.59
N ASN A 721 -26.77 -9.20 20.79
CA ASN A 721 -26.78 -10.06 19.62
C ASN A 721 -26.94 -9.26 18.33
N ASN A 722 -25.83 -8.77 17.80
CA ASN A 722 -25.84 -8.04 16.53
C ASN A 722 -26.27 -8.98 15.39
N PRO A 723 -27.42 -8.70 14.76
CA PRO A 723 -27.95 -9.55 13.69
C PRO A 723 -27.42 -9.21 12.30
N ILE A 724 -26.59 -8.17 12.21
CA ILE A 724 -26.09 -7.72 10.91
C ILE A 724 -24.72 -8.33 10.61
N HIS A 725 -24.63 -9.04 9.49
CA HIS A 725 -23.39 -9.67 9.08
C HIS A 725 -22.33 -8.59 8.80
N PRO A 726 -21.10 -8.79 9.33
CA PRO A 726 -20.01 -7.82 9.20
C PRO A 726 -19.84 -7.22 7.79
N ASN A 727 -20.12 -8.00 6.75
CA ASN A 727 -20.02 -7.53 5.36
C ASN A 727 -20.92 -6.34 5.04
N LEU A 728 -22.05 -6.26 5.73
CA LEU A 728 -23.11 -5.33 5.40
C LEU A 728 -23.26 -4.19 6.41
N ARG A 729 -22.52 -4.28 7.51
CA ARG A 729 -22.66 -3.35 8.62
C ARG A 729 -22.52 -1.88 8.24
N SER A 730 -21.52 -1.54 7.42
CA SER A 730 -21.30 -0.14 7.05
C SER A 730 -22.52 0.48 6.35
N THR A 731 -23.13 -0.26 5.42
CA THR A 731 -24.34 0.21 4.74
C THR A 731 -25.56 0.21 5.66
N ILE A 732 -25.83 -0.91 6.32
CA ILE A 732 -27.01 -1.04 7.17
C ILE A 732 -26.99 0.01 8.29
N TYR A 733 -25.85 0.12 8.98
CA TYR A 733 -25.68 1.15 10.02
C TYR A 733 -25.96 2.56 9.45
N CYS A 734 -25.38 2.87 8.29
CA CYS A 734 -25.48 4.20 7.71
C CYS A 734 -26.91 4.54 7.29
N ASN A 735 -27.52 3.64 6.50
CA ASN A 735 -28.86 3.88 6.03
C ASN A 735 -29.88 3.99 7.17
N ALA A 736 -29.73 3.12 8.17
CA ALA A 736 -30.62 3.08 9.32
C ALA A 736 -30.53 4.34 10.18
N ILE A 737 -29.31 4.83 10.40
CA ILE A 737 -29.12 6.09 11.12
C ILE A 737 -29.65 7.27 10.29
N ALA A 738 -29.55 7.17 8.97
CA ALA A 738 -30.09 8.18 8.06
C ALA A 738 -31.61 8.28 8.14
N GLN A 739 -32.28 7.13 8.23
CA GLN A 739 -33.74 7.07 8.32
C GLN A 739 -34.26 7.50 9.69
N GLY A 740 -33.46 7.26 10.72
CA GLY A 740 -33.90 7.46 12.10
C GLY A 740 -33.57 8.84 12.65
N GLY A 741 -33.68 8.96 13.97
CA GLY A 741 -33.38 10.20 14.68
C GLY A 741 -32.39 9.94 15.79
N GLN A 742 -32.58 10.63 16.91
CA GLN A 742 -31.66 10.51 18.04
C GLN A 742 -31.67 9.14 18.75
N ASP A 743 -32.73 8.36 18.57
CA ASP A 743 -32.79 7.02 19.19
C ASP A 743 -31.75 6.09 18.59
N GLN A 744 -31.70 6.07 17.26
CA GLN A 744 -30.71 5.29 16.52
C GLN A 744 -29.31 5.86 16.76
N TRP A 745 -29.19 7.18 16.70
CA TRP A 745 -27.90 7.84 16.86
C TRP A 745 -27.31 7.60 18.25
N ASP A 746 -28.13 7.76 19.29
CA ASP A 746 -27.67 7.54 20.66
C ASP A 746 -27.31 6.09 20.95
N PHE A 747 -28.00 5.17 20.29
CA PHE A 747 -27.72 3.76 20.42
C PHE A 747 -26.37 3.42 19.77
N ALA A 748 -26.16 3.91 18.56
CA ALA A 748 -24.90 3.68 17.84
C ALA A 748 -23.72 4.33 18.55
N TRP A 749 -23.95 5.50 19.15
CA TRP A 749 -22.93 6.20 19.91
C TRP A 749 -22.51 5.39 21.13
N GLY A 750 -23.49 4.83 21.84
CA GLY A 750 -23.25 3.96 22.98
C GLY A 750 -22.42 2.73 22.59
N GLN A 751 -22.82 2.09 21.49
CA GLN A 751 -22.05 0.99 20.90
C GLN A 751 -20.61 1.38 20.55
N LEU A 752 -20.44 2.58 20.01
CA LEU A 752 -19.11 3.09 19.67
C LEU A 752 -18.24 3.23 20.92
N GLN A 753 -18.82 3.78 21.97
CA GLN A 753 -18.08 4.06 23.20
C GLN A 753 -17.63 2.80 23.94
N GLN A 754 -18.32 1.69 23.69
CA GLN A 754 -17.97 0.41 24.30
C GLN A 754 -17.31 -0.56 23.32
N ALA A 755 -17.09 -0.12 22.09
CA ALA A 755 -16.48 -0.96 21.05
C ALA A 755 -15.06 -1.38 21.42
N GLN A 756 -14.83 -2.69 21.41
CA GLN A 756 -13.52 -3.25 21.76
C GLN A 756 -12.61 -3.31 20.53
N LEU A 757 -13.22 -3.41 19.35
CA LEU A 757 -12.47 -3.64 18.12
C LEU A 757 -12.50 -2.44 17.19
N VAL A 758 -11.32 -2.09 16.67
CA VAL A 758 -11.12 -0.89 15.87
C VAL A 758 -11.98 -0.87 14.60
N ASN A 759 -12.08 -2.00 13.91
CA ASN A 759 -12.83 -2.05 12.66
C ASN A 759 -14.33 -1.81 12.87
N GLU A 760 -14.86 -2.29 13.98
CA GLU A 760 -16.25 -2.04 14.36
C GLU A 760 -16.45 -0.58 14.80
N ALA A 761 -15.52 -0.06 15.60
CA ALA A 761 -15.55 1.35 16.00
C ALA A 761 -15.52 2.28 14.78
N ASP A 762 -14.69 1.94 13.79
CA ASP A 762 -14.60 2.69 12.54
C ASP A 762 -15.93 2.74 11.80
N LYS A 763 -16.59 1.58 11.68
CA LYS A 763 -17.89 1.50 11.03
C LYS A 763 -18.93 2.39 11.72
N LEU A 764 -18.91 2.37 13.04
CA LEU A 764 -19.85 3.16 13.84
C LEU A 764 -19.60 4.65 13.69
N ARG A 765 -18.34 5.08 13.80
CA ARG A 765 -17.97 6.49 13.63
C ARG A 765 -18.45 7.03 12.29
N SER A 766 -18.23 6.25 11.24
CA SER A 766 -18.62 6.62 9.88
C SER A 766 -20.13 6.64 9.67
N ALA A 767 -20.84 5.66 10.24
CA ALA A 767 -22.29 5.57 10.10
C ALA A 767 -23.01 6.69 10.84
N LEU A 768 -22.48 7.07 12.00
CA LEU A 768 -23.01 8.19 12.79
C LEU A 768 -23.03 9.50 12.01
N ALA A 769 -22.18 9.59 11.00
CA ALA A 769 -22.12 10.77 10.13
C ALA A 769 -23.23 10.76 9.07
N CYS A 770 -24.04 9.71 9.04
CA CYS A 770 -25.09 9.55 8.03
C CYS A 770 -26.43 10.11 8.49
N SER A 771 -26.48 10.70 9.68
CA SER A 771 -27.69 11.32 10.18
C SER A 771 -28.10 12.48 9.27
N ASN A 772 -29.41 12.61 9.04
CA ASN A 772 -29.94 13.70 8.22
C ASN A 772 -30.47 14.86 9.07
N GLU A 773 -30.19 14.80 10.36
CA GLU A 773 -30.52 15.87 11.29
C GLU A 773 -29.32 16.79 11.47
N VAL A 774 -29.50 18.07 11.15
CA VAL A 774 -28.44 19.08 11.25
C VAL A 774 -27.89 19.16 12.67
N TRP A 775 -28.80 19.18 13.66
CA TRP A 775 -28.41 19.30 15.07
C TRP A 775 -27.59 18.11 15.57
N LEU A 776 -27.89 16.91 15.05
CA LEU A 776 -27.12 15.71 15.39
C LEU A 776 -25.71 15.77 14.80
N LEU A 777 -25.60 16.18 13.54
CA LEU A 777 -24.28 16.37 12.90
C LEU A 777 -23.44 17.45 13.59
N ASN A 778 -24.07 18.56 13.98
CA ASN A 778 -23.36 19.64 14.67
C ASN A 778 -22.88 19.22 16.07
N ARG A 779 -23.76 18.54 16.82
CA ARG A 779 -23.41 17.96 18.11
C ARG A 779 -22.27 16.95 17.96
N TYR A 780 -22.30 16.19 16.86
CA TYR A 780 -21.25 15.22 16.54
C TYR A 780 -19.92 15.94 16.28
N LEU A 781 -19.94 16.96 15.42
CA LEU A 781 -18.78 17.81 15.19
C LEU A 781 -18.15 18.30 16.49
N GLY A 782 -18.99 18.77 17.41
CA GLY A 782 -18.55 19.21 18.73
C GLY A 782 -17.81 18.14 19.52
N TYR A 783 -18.07 16.87 19.20
CA TYR A 783 -17.39 15.75 19.86
C TYR A 783 -16.01 15.47 19.28
N THR A 784 -15.81 15.79 18.00
CA THR A 784 -14.58 15.41 17.28
C THR A 784 -13.28 15.94 17.88
N LEU A 785 -13.37 17.02 18.66
CA LEU A 785 -12.19 17.61 19.28
C LEU A 785 -12.06 17.23 20.75
N ASN A 786 -12.91 16.29 21.18
CA ASN A 786 -12.87 15.76 22.54
C ASN A 786 -12.21 14.38 22.57
N PRO A 787 -10.96 14.32 23.11
CA PRO A 787 -10.17 13.08 23.18
C PRO A 787 -10.83 11.99 24.01
N ASP A 788 -11.67 12.40 24.96
CA ASP A 788 -12.46 11.48 25.77
C ASP A 788 -13.49 10.73 24.93
N LEU A 789 -13.96 11.37 23.86
CA LEU A 789 -15.05 10.84 23.04
C LEU A 789 -14.60 10.37 21.66
N ILE A 790 -13.73 11.15 21.03
CA ILE A 790 -13.13 10.77 19.75
C ILE A 790 -11.60 10.85 19.88
N ARG A 791 -10.93 9.73 19.63
CA ARG A 791 -9.47 9.67 19.62
C ARG A 791 -8.92 10.73 18.67
N LYS A 792 -7.88 11.44 19.10
CA LYS A 792 -7.22 12.45 18.28
C LYS A 792 -6.95 11.94 16.88
N GLN A 793 -6.42 10.73 16.77
CA GLN A 793 -6.07 10.10 15.49
C GLN A 793 -7.28 9.86 14.59
N ASP A 794 -8.48 9.96 15.16
CA ASP A 794 -9.73 9.76 14.43
C ASP A 794 -10.50 11.06 14.18
N ALA A 795 -9.95 12.18 14.64
CA ALA A 795 -10.68 13.45 14.61
C ALA A 795 -11.01 13.95 13.20
N THR A 796 -9.97 14.12 12.38
CA THR A 796 -10.14 14.67 11.03
C THR A 796 -10.91 13.71 10.12
N SER A 797 -10.75 12.42 10.40
CA SER A 797 -11.49 11.37 9.67
C SER A 797 -13.00 11.47 9.93
N THR A 798 -13.36 11.79 11.18
CA THR A 798 -14.75 11.92 11.59
C THR A 798 -15.34 13.19 10.97
N ILE A 799 -14.59 14.29 11.03
CA ILE A 799 -15.00 15.55 10.39
C ILE A 799 -15.25 15.34 8.89
N ASN A 800 -14.33 14.62 8.23
CA ASN A 800 -14.46 14.29 6.81
C ASN A 800 -15.68 13.45 6.49
N SER A 801 -16.01 12.51 7.37
CA SER A 801 -17.20 11.70 7.21
C SER A 801 -18.47 12.56 7.28
N ILE A 802 -18.49 13.51 8.20
CA ILE A 802 -19.60 14.45 8.32
C ILE A 802 -19.70 15.31 7.06
N ALA A 803 -18.56 15.83 6.60
CA ALA A 803 -18.48 16.60 5.35
C ALA A 803 -19.02 15.83 4.15
N SER A 804 -18.81 14.51 4.15
CA SER A 804 -19.27 13.65 3.06
C SER A 804 -20.79 13.61 2.96
N ASN A 805 -21.45 13.76 4.10
CA ASN A 805 -22.90 13.91 4.14
C ASN A 805 -23.28 15.24 3.49
N VAL A 806 -24.14 15.17 2.47
CA VAL A 806 -24.55 16.37 1.72
C VAL A 806 -25.08 17.47 2.68
N ILE A 807 -25.76 17.04 3.73
CA ILE A 807 -26.24 17.93 4.78
C ILE A 807 -25.09 18.41 5.68
N GLY A 808 -24.14 17.53 5.96
CA GLY A 808 -22.99 17.85 6.80
C GLY A 808 -21.92 18.72 6.13
N GLN A 809 -21.96 18.79 4.80
CA GLN A 809 -21.01 19.59 4.02
C GLN A 809 -20.84 21.05 4.51
N PRO A 810 -21.95 21.84 4.58
CA PRO A 810 -21.80 23.20 5.11
C PRO A 810 -21.44 23.24 6.60
N LEU A 811 -21.90 22.25 7.36
CA LEU A 811 -21.62 22.17 8.79
C LEU A 811 -20.13 21.93 9.05
N ALA A 812 -19.52 21.03 8.27
CA ALA A 812 -18.10 20.72 8.43
C ALA A 812 -17.22 21.86 7.93
N TRP A 813 -17.55 22.42 6.77
CA TRP A 813 -16.81 23.56 6.22
C TRP A 813 -16.79 24.75 7.18
N ASP A 814 -17.92 25.04 7.81
CA ASP A 814 -17.99 26.09 8.83
C ASP A 814 -17.20 25.71 10.08
N PHE A 815 -17.30 24.44 10.47
CA PHE A 815 -16.56 23.92 11.63
C PHE A 815 -15.05 24.07 11.45
N VAL A 816 -14.56 23.74 10.26
CA VAL A 816 -13.13 23.79 9.95
C VAL A 816 -12.62 25.24 9.92
N GLN A 817 -13.35 26.13 9.24
CA GLN A 817 -13.01 27.55 9.18
C GLN A 817 -12.98 28.20 10.56
N SER A 818 -13.99 27.88 11.37
CA SER A 818 -14.17 28.49 12.68
C SER A 818 -13.11 28.00 13.67
N ASN A 819 -12.80 26.72 13.61
CA ASN A 819 -11.88 26.10 14.55
C ASN A 819 -10.47 25.92 14.00
N TRP A 820 -10.18 26.55 12.87
CA TRP A 820 -8.84 26.51 12.27
C TRP A 820 -7.78 27.00 13.26
N LYS A 821 -8.22 27.84 14.19
CA LYS A 821 -7.45 28.28 15.34
C LYS A 821 -7.15 27.10 16.29
N LYS A 822 -6.81 25.95 15.70
CA LYS A 822 -6.40 24.76 16.45
C LYS A 822 -5.12 24.18 15.83
N LEU A 823 -4.45 25.00 15.03
CA LEU A 823 -3.17 24.64 14.44
C LEU A 823 -2.04 24.75 15.47
N PHE A 824 -2.08 25.81 16.28
CA PHE A 824 -1.10 25.99 17.37
C PHE A 824 -1.43 25.17 18.62
N GLN A 825 -2.45 24.32 18.52
CA GLN A 825 -2.76 23.32 19.54
C GLN A 825 -2.41 21.94 19.04
N ASP A 826 -2.48 21.73 17.72
CA ASP A 826 -2.13 20.47 17.10
C ASP A 826 -1.18 20.63 15.92
N TYR A 827 0.12 20.54 16.21
CA TYR A 827 1.17 20.51 15.20
C TYR A 827 2.44 19.93 15.81
N GLY A 828 2.68 20.27 17.07
CA GLY A 828 3.76 19.68 17.86
C GLY A 828 3.24 18.52 18.71
N GLY A 829 2.03 18.67 19.22
CA GLY A 829 1.33 17.60 19.92
C GLY A 829 0.27 16.99 19.01
N GLY A 830 0.69 15.98 18.24
CA GLY A 830 -0.17 15.35 17.25
C GLY A 830 -0.13 16.11 15.93
N SER A 831 0.36 15.44 14.89
CA SER A 831 0.50 16.03 13.55
C SER A 831 -0.83 16.43 12.94
N PHE A 832 -1.86 15.61 13.20
CA PHE A 832 -3.27 15.92 12.88
C PHE A 832 -3.64 15.71 11.40
N SER A 833 -2.72 16.05 10.50
CA SER A 833 -2.94 15.99 9.04
C SER A 833 -4.04 16.93 8.53
N PHE A 834 -3.70 18.21 8.49
CA PHE A 834 -4.56 19.25 7.95
C PHE A 834 -4.79 19.02 6.46
N SER A 835 -3.80 18.44 5.78
CA SER A 835 -3.89 18.16 4.34
C SER A 835 -5.11 17.33 3.98
N ASN A 836 -5.32 16.23 4.72
CA ASN A 836 -6.45 15.35 4.51
C ASN A 836 -7.79 16.02 4.79
N LEU A 837 -7.86 16.73 5.92
CA LEU A 837 -9.04 17.49 6.33
C LEU A 837 -9.44 18.52 5.26
N ILE A 838 -8.49 19.35 4.83
CA ILE A 838 -8.72 20.36 3.80
C ILE A 838 -9.26 19.73 2.50
N GLN A 839 -8.61 18.66 2.06
CA GLN A 839 -9.01 17.98 0.83
C GLN A 839 -10.42 17.35 0.94
N GLY A 840 -10.73 16.82 2.12
CA GLY A 840 -12.01 16.18 2.37
C GLY A 840 -13.18 17.15 2.40
N VAL A 841 -12.98 18.26 3.10
CA VAL A 841 -14.02 19.29 3.26
C VAL A 841 -14.26 20.15 2.00
N THR A 842 -13.22 20.34 1.19
CA THR A 842 -13.34 21.18 -0.02
C THR A 842 -13.56 20.34 -1.28
N ARG A 843 -13.62 19.02 -1.10
CA ARG A 843 -13.77 18.05 -2.19
C ARG A 843 -14.91 18.38 -3.17
N ARG A 844 -16.06 18.81 -2.65
CA ARG A 844 -17.24 19.13 -3.46
C ARG A 844 -17.15 20.42 -4.29
N PHE A 845 -16.34 21.38 -3.84
CA PHE A 845 -16.34 22.74 -4.38
C PHE A 845 -16.24 22.75 -5.91
N SER A 846 -17.24 23.35 -6.54
CA SER A 846 -17.35 23.35 -8.00
C SER A 846 -18.02 24.63 -8.55
N SER A 847 -18.04 25.68 -7.75
CA SER A 847 -18.60 26.96 -8.19
C SER A 847 -17.68 28.12 -7.87
N GLU A 848 -17.77 29.17 -8.69
CA GLU A 848 -17.03 30.42 -8.46
C GLU A 848 -17.26 30.95 -7.04
N PHE A 849 -18.51 30.86 -6.57
CA PHE A 849 -18.86 31.28 -5.21
C PHE A 849 -18.10 30.49 -4.15
N GLU A 850 -17.94 29.18 -4.36
CA GLU A 850 -17.18 28.34 -3.44
C GLU A 850 -15.68 28.63 -3.51
N LEU A 851 -15.20 28.91 -4.72
CA LEU A 851 -13.82 29.35 -4.91
C LEU A 851 -13.55 30.65 -4.13
N GLN A 852 -14.48 31.60 -4.23
CA GLN A 852 -14.40 32.86 -3.50
C GLN A 852 -14.36 32.66 -1.98
N GLN A 853 -15.11 31.66 -1.50
CA GLN A 853 -15.12 31.30 -0.08
C GLN A 853 -13.77 30.74 0.36
N LEU A 854 -13.19 29.89 -0.49
CA LEU A 854 -11.91 29.26 -0.18
C LEU A 854 -10.78 30.28 -0.18
N GLU A 855 -10.83 31.24 -1.10
CA GLU A 855 -9.88 32.34 -1.15
C GLU A 855 -9.98 33.19 0.12
N GLN A 856 -11.21 33.45 0.55
CA GLN A 856 -11.49 34.23 1.75
C GLN A 856 -10.95 33.54 3.02
N PHE A 857 -11.07 32.21 3.06
CA PHE A 857 -10.52 31.43 4.17
C PHE A 857 -9.00 31.49 4.20
N LYS A 858 -8.38 31.48 3.02
CA LYS A 858 -6.93 31.62 2.88
C LYS A 858 -6.44 32.97 3.43
N LYS A 859 -7.31 33.97 3.37
CA LYS A 859 -7.00 35.33 3.82
C LYS A 859 -6.83 35.46 5.34
N ASN A 860 -6.56 34.35 6.03
CA ASN A 860 -6.05 34.40 7.41
C ASN A 860 -4.53 34.15 7.44
N ASN A 861 -3.88 34.49 6.33
CA ASN A 861 -2.45 34.25 6.13
C ASN A 861 -1.58 34.83 7.25
N MET A 862 -2.05 35.90 7.88
CA MET A 862 -1.39 36.52 9.02
C MET A 862 -1.27 35.52 10.17
N ASP A 863 -0.04 35.02 10.38
CA ASP A 863 0.24 33.97 11.36
C ASP A 863 -0.64 32.73 11.18
N VAL A 864 -0.82 31.97 12.26
CA VAL A 864 -1.55 30.67 12.29
C VAL A 864 -1.15 29.66 11.19
N GLY A 865 -0.94 30.15 9.97
CA GLY A 865 -0.48 29.34 8.85
C GLY A 865 -1.42 28.21 8.49
N PHE A 866 -0.89 27.20 7.80
CA PHE A 866 -1.65 26.02 7.43
C PHE A 866 -0.95 24.72 7.85
N GLY A 867 0.24 24.88 8.44
CA GLY A 867 1.01 23.75 8.99
C GLY A 867 1.45 22.75 7.94
N SER A 868 1.16 21.47 8.19
CA SER A 868 1.45 20.40 7.25
C SER A 868 0.45 20.38 6.08
N GLY A 869 -0.60 21.18 6.21
CA GLY A 869 -1.59 21.37 5.15
C GLY A 869 -1.31 22.59 4.29
N THR A 870 -0.14 23.20 4.49
CA THR A 870 0.30 24.33 3.67
C THR A 870 0.52 23.84 2.24
N ARG A 871 -0.12 24.54 1.29
CA ARG A 871 -0.07 24.21 -0.14
C ARG A 871 -0.92 22.98 -0.50
N ALA A 872 -1.50 22.34 0.51
CA ALA A 872 -2.64 21.44 0.29
C ALA A 872 -3.86 22.30 0.04
N LEU A 873 -3.84 23.50 0.64
CA LEU A 873 -4.82 24.53 0.35
C LEU A 873 -4.69 25.05 -1.09
N GLU A 874 -3.46 25.09 -1.60
CA GLU A 874 -3.21 25.47 -3.00
C GLU A 874 -3.79 24.44 -3.94
N GLN A 875 -3.68 23.17 -3.56
CA GLN A 875 -4.23 22.05 -4.32
C GLN A 875 -5.76 22.12 -4.38
N ALA A 876 -6.37 22.58 -3.28
CA ALA A 876 -7.82 22.72 -3.18
C ALA A 876 -8.34 23.85 -4.07
N LEU A 877 -7.60 24.95 -4.11
CA LEU A 877 -7.94 26.09 -4.97
C LEU A 877 -7.86 25.72 -6.45
N GLU A 878 -6.79 25.00 -6.82
CA GLU A 878 -6.59 24.54 -8.20
C GLU A 878 -7.59 23.45 -8.58
N LYS A 879 -7.93 22.59 -7.62
CA LYS A 879 -8.93 21.54 -7.85
C LYS A 879 -10.32 22.13 -8.07
N THR A 880 -10.66 23.16 -7.29
CA THR A 880 -11.95 23.85 -7.43
C THR A 880 -12.13 24.47 -8.81
N LYS A 881 -11.09 25.16 -9.29
CA LYS A 881 -11.04 25.73 -10.64
C LYS A 881 -11.26 24.66 -11.70
N ALA A 882 -10.64 23.50 -11.51
CA ALA A 882 -10.81 22.36 -12.41
C ALA A 882 -12.25 21.82 -12.34
N ASN A 883 -12.81 21.78 -11.13
CA ASN A 883 -14.19 21.35 -10.91
C ASN A 883 -15.21 22.27 -11.57
N ILE A 884 -15.01 23.58 -11.40
CA ILE A 884 -15.86 24.60 -12.03
C ILE A 884 -15.90 24.40 -13.55
N LYS A 885 -14.73 24.24 -14.15
CA LYS A 885 -14.59 24.06 -15.59
C LYS A 885 -15.28 22.77 -16.06
N TRP A 886 -15.14 21.71 -15.27
CA TRP A 886 -15.74 20.41 -15.60
C TRP A 886 -17.28 20.45 -15.52
N VAL A 887 -17.81 21.05 -14.45
CA VAL A 887 -19.27 21.14 -14.25
C VAL A 887 -19.93 21.95 -15.39
N LYS A 888 -19.33 23.10 -15.71
CA LYS A 888 -19.80 23.94 -16.82
C LYS A 888 -19.84 23.18 -18.15
N GLU A 889 -18.79 22.40 -18.43
CA GLU A 889 -18.70 21.62 -19.67
C GLU A 889 -19.64 20.40 -19.71
N ASN A 890 -19.99 19.88 -18.55
CA ASN A 890 -20.67 18.58 -18.45
C ASN A 890 -22.11 18.57 -17.91
N LYS A 891 -22.49 19.64 -17.19
CA LYS A 891 -23.78 19.71 -16.49
C LYS A 891 -25.00 19.36 -17.37
N GLU A 892 -25.15 20.05 -18.49
CA GLU A 892 -26.31 19.87 -19.37
C GLU A 892 -26.36 18.49 -20.02
N VAL A 893 -25.23 18.08 -20.60
CA VAL A 893 -25.10 16.76 -21.24
C VAL A 893 -25.41 15.62 -20.26
N VAL A 894 -24.87 15.71 -19.04
CA VAL A 894 -25.07 14.68 -18.03
C VAL A 894 -26.52 14.66 -17.52
N LEU A 895 -27.07 15.83 -17.21
CA LEU A 895 -28.47 15.95 -16.80
C LEU A 895 -29.39 15.25 -17.79
N ASN A 896 -29.21 15.56 -19.06
CA ASN A 896 -30.07 15.01 -20.12
C ASN A 896 -29.87 13.52 -20.37
N TRP A 897 -28.64 13.03 -20.24
CA TRP A 897 -28.39 11.59 -20.33
C TRP A 897 -29.10 10.82 -19.21
N PHE A 898 -29.01 11.31 -17.97
CA PHE A 898 -29.67 10.65 -16.84
C PHE A 898 -31.18 10.67 -16.96
N ILE A 899 -31.77 11.83 -17.24
CA ILE A 899 -33.21 11.94 -17.49
C ILE A 899 -33.63 10.94 -18.57
N GLU A 900 -32.92 10.97 -19.70
CA GLU A 900 -33.18 10.06 -20.81
C GLU A 900 -33.16 8.58 -20.42
N HIS A 901 -32.22 8.17 -19.56
CA HIS A 901 -32.06 6.75 -19.25
C HIS A 901 -32.60 6.30 -17.88
N SER A 902 -33.23 7.20 -17.15
CA SER A 902 -33.80 6.87 -15.84
C SER A 902 -35.26 6.40 -15.93
N SER A 903 -35.66 5.95 -17.12
CA SER A 903 -37.01 5.46 -17.40
C SER A 903 -38.03 6.61 -17.50
#